data_9DDX
#
_entry.id   9DDX
#
_cell.length_a   1.00
_cell.length_b   1.00
_cell.length_c   1.00
_cell.angle_alpha   90.00
_cell.angle_beta   90.00
_cell.angle_gamma   90.00
#
_symmetry.space_group_name_H-M   'P 1'
#
loop_
_entity.id
_entity.type
_entity.pdbx_description
1 polymer 'P2X purinoceptor 2'
2 non-polymer 2-acetamido-2-deoxy-beta-D-glucopyranose
3 non-polymer "ADENOSINE-5'-TRIPHOSPHATE"
4 water water
#
_entity_poly.entity_id   1
_entity_poly.type   'polypeptide(L)'
_entity_poly.pdbx_seq_one_letter_code
;VLYRAVQLLILLYFVWYVFIVQKSYQESETGPESSIITKVKGITTSEHKVWDVEEYVKPPEGGSVFSIITRVEATHSQTQ
GTCPESIRVHNATCLSDADCVAGELDMLGNGLRTGRCVPYYQGPSKTCEVFGWCPVEDGASVSQFLGTMAPNFTILIKNS
IHYPKFHFSKGNIADRTDGYLKRCTFHEASDLYCPIFKLGFIVEKAGESFTELAHKGGVIGVIINWDCDLDLPASECNPK
YSFRRLDPKHVPASSGYNFRFAKYYKINGTTTRTLIKAYGIRIDVIVHGQAGKFSLIPTIINLATALTSVGVGSFLCDW
;
_entity_poly.pdbx_strand_id   A,B,C
#
# COMPACT_ATOMS: atom_id res chain seq x y z
N VAL A 1 31.99 49.14 25.16
CA VAL A 1 30.79 49.81 24.69
C VAL A 1 30.22 49.09 23.47
N LEU A 2 30.68 49.51 22.28
CA LEU A 2 30.19 48.87 21.06
C LEU A 2 30.39 47.37 21.09
N TYR A 3 31.43 46.90 21.79
CA TYR A 3 31.58 45.47 22.01
C TYR A 3 30.39 44.93 22.80
N ARG A 4 29.95 45.66 23.83
CA ARG A 4 28.78 45.24 24.59
C ARG A 4 27.52 45.29 23.74
N ALA A 5 27.35 46.37 22.96
CA ALA A 5 26.19 46.46 22.08
C ALA A 5 26.20 45.35 21.04
N VAL A 6 27.37 45.05 20.48
CA VAL A 6 27.47 43.96 19.51
C VAL A 6 27.12 42.64 20.18
N GLN A 7 27.60 42.44 21.40
CA GLN A 7 27.23 41.25 22.16
C GLN A 7 25.72 41.13 22.28
N LEU A 8 25.06 42.22 22.67
CA LEU A 8 23.61 42.19 22.84
C LEU A 8 22.91 41.87 21.53
N LEU A 9 23.35 42.51 20.44
CA LEU A 9 22.70 42.29 19.16
C LEU A 9 22.87 40.85 18.69
N ILE A 10 24.11 40.33 18.75
CA ILE A 10 24.36 38.97 18.29
C ILE A 10 23.59 37.98 19.14
N LEU A 11 23.56 38.19 20.45
CA LEU A 11 22.80 37.29 21.32
C LEU A 11 21.33 37.31 20.93
N LEU A 12 20.69 38.48 21.02
CA LEU A 12 19.28 38.59 20.66
C LEU A 12 18.98 37.86 19.35
N TYR A 13 19.80 38.11 18.32
CA TYR A 13 19.58 37.43 17.06
C TYR A 13 19.58 35.92 17.25
N PHE A 14 20.63 35.39 17.87
CA PHE A 14 20.73 33.94 18.02
C PHE A 14 19.55 33.38 18.79
N VAL A 15 19.32 33.89 19.99
CA VAL A 15 18.27 33.38 20.85
C VAL A 15 16.97 33.39 20.05
N TRP A 16 16.52 34.60 19.68
CA TRP A 16 15.21 34.72 19.05
C TRP A 16 15.14 33.83 17.82
N TYR A 17 15.89 34.16 16.77
CA TYR A 17 15.64 33.45 15.52
C TYR A 17 15.84 31.96 15.71
N VAL A 18 17.02 31.55 16.17
CA VAL A 18 17.39 30.15 16.11
C VAL A 18 16.46 29.33 16.99
N PHE A 19 16.44 29.63 18.29
CA PHE A 19 15.62 28.79 19.14
C PHE A 19 14.13 29.06 18.97
N ILE A 20 13.69 30.30 19.09
CA ILE A 20 12.27 30.58 19.14
C ILE A 20 11.58 30.35 17.81
N VAL A 21 12.32 30.32 16.69
CA VAL A 21 11.71 30.22 15.38
C VAL A 21 12.10 28.94 14.66
N GLN A 22 13.39 28.61 14.63
CA GLN A 22 13.82 27.37 14.00
C GLN A 22 13.62 26.14 14.89
N LYS A 23 13.23 26.33 16.15
CA LYS A 23 13.05 25.23 17.08
C LYS A 23 14.31 24.38 17.17
N SER A 24 15.46 25.04 17.24
CA SER A 24 16.73 24.32 17.39
C SER A 24 16.83 23.61 18.72
N TYR A 25 15.95 23.92 19.66
CA TYR A 25 16.00 23.35 21.00
C TYR A 25 15.17 22.08 21.14
N GLN A 26 14.72 21.56 19.99
CA GLN A 26 13.84 20.36 20.03
C GLN A 26 14.36 19.23 19.15
N GLU A 27 14.32 17.99 19.64
CA GLU A 27 14.66 16.81 18.80
C GLU A 27 13.40 16.53 18.00
N SER A 28 13.48 16.28 16.68
CA SER A 28 12.29 16.15 15.82
C SER A 28 12.22 14.78 15.14
N GLU A 29 11.04 14.15 15.13
CA GLU A 29 10.81 12.86 14.42
C GLU A 29 9.89 13.13 13.23
N THR A 30 10.41 13.14 12.00
CA THR A 30 9.62 13.36 10.80
C THR A 30 9.17 12.02 10.26
N GLY A 31 7.85 11.80 10.25
CA GLY A 31 7.28 10.57 9.76
C GLY A 31 6.85 9.66 10.89
N PRO A 32 5.56 9.66 11.20
CA PRO A 32 5.05 8.75 12.22
C PRO A 32 4.60 7.42 11.66
N GLU A 33 4.07 6.57 12.54
CA GLU A 33 3.36 5.37 12.14
C GLU A 33 1.87 5.67 12.19
N SER A 34 1.19 5.44 11.08
CA SER A 34 -0.23 5.74 10.95
C SER A 34 -1.02 4.51 10.55
N SER A 35 -2.24 4.40 11.07
CA SER A 35 -3.21 3.44 10.61
C SER A 35 -4.40 4.18 10.03
N ILE A 36 -4.81 3.79 8.83
CA ILE A 36 -5.95 4.39 8.14
C ILE A 36 -7.00 3.30 7.95
N ILE A 37 -8.20 3.47 8.53
CA ILE A 37 -9.32 2.50 8.38
C ILE A 37 -10.50 3.23 7.73
N THR A 38 -10.67 3.12 6.41
CA THR A 38 -11.71 3.86 5.67
C THR A 38 -12.98 3.01 5.53
N LYS A 39 -14.18 3.62 5.59
CA LYS A 39 -15.48 2.92 5.39
C LYS A 39 -16.42 3.82 4.59
N VAL A 40 -16.77 3.43 3.37
CA VAL A 40 -17.66 4.25 2.49
C VAL A 40 -19.10 3.81 2.72
N LYS A 41 -20.05 4.74 2.74
CA LYS A 41 -21.46 4.47 2.85
C LYS A 41 -22.20 5.25 1.78
N GLY A 42 -23.33 4.70 1.34
CA GLY A 42 -24.09 5.30 0.26
C GLY A 42 -24.51 4.27 -0.78
N ILE A 43 -25.75 4.38 -1.24
CA ILE A 43 -26.29 3.51 -2.27
C ILE A 43 -26.72 4.36 -3.44
N THR A 44 -26.48 3.86 -4.65
CA THR A 44 -26.84 4.55 -5.88
C THR A 44 -27.59 3.58 -6.78
N THR A 45 -28.41 4.14 -7.66
CA THR A 45 -29.31 3.36 -8.49
C THR A 45 -29.06 3.62 -9.97
N SER A 46 -29.05 2.55 -10.75
CA SER A 46 -29.08 2.59 -12.20
C SER A 46 -30.46 2.11 -12.67
N GLU A 47 -30.61 1.92 -13.98
CA GLU A 47 -31.87 1.44 -14.52
C GLU A 47 -32.27 0.13 -13.84
N HIS A 48 -33.34 0.17 -13.05
CA HIS A 48 -33.84 -0.98 -12.31
C HIS A 48 -32.69 -1.75 -11.65
N LYS A 49 -31.93 -1.02 -10.83
CA LYS A 49 -30.78 -1.60 -10.15
C LYS A 49 -30.31 -0.68 -9.02
N VAL A 50 -30.07 -1.24 -7.84
CA VAL A 50 -29.55 -0.51 -6.69
C VAL A 50 -28.15 -1.01 -6.41
N TRP A 51 -27.18 -0.11 -6.44
CA TRP A 51 -25.79 -0.44 -6.16
C TRP A 51 -25.45 -0.09 -4.72
N ASP A 52 -24.73 -0.99 -4.06
CA ASP A 52 -24.31 -0.80 -2.69
C ASP A 52 -22.78 -0.67 -2.62
N VAL A 53 -22.28 -0.50 -1.40
CA VAL A 53 -20.86 -0.22 -1.22
C VAL A 53 -20.02 -1.40 -1.71
N GLU A 54 -20.49 -2.63 -1.48
CA GLU A 54 -19.72 -3.79 -1.88
C GLU A 54 -19.47 -3.80 -3.39
N GLU A 55 -20.40 -3.24 -4.17
CA GLU A 55 -20.27 -3.28 -5.62
C GLU A 55 -19.32 -2.21 -6.14
N TYR A 56 -19.38 -0.97 -5.64
CA TYR A 56 -18.57 0.14 -6.21
C TYR A 56 -17.23 0.29 -5.46
N VAL A 57 -17.14 -0.02 -4.17
CA VAL A 57 -15.88 0.20 -3.40
C VAL A 57 -14.94 -0.99 -3.65
N LYS A 58 -13.87 -0.80 -4.42
CA LYS A 58 -12.89 -1.87 -4.75
C LYS A 58 -11.48 -1.29 -4.64
N PRO A 59 -10.58 -1.76 -3.75
CA PRO A 59 -10.81 -2.95 -2.91
C PRO A 59 -11.75 -2.70 -1.71
N PRO A 60 -12.29 -3.75 -1.05
CA PRO A 60 -13.26 -3.58 0.04
C PRO A 60 -12.72 -3.71 1.47
N GLU A 61 -11.41 -3.92 1.66
CA GLU A 61 -10.83 -4.17 2.98
C GLU A 61 -10.77 -2.91 3.85
N GLY A 62 -11.04 -1.73 3.29
CA GLY A 62 -11.09 -0.52 4.09
C GLY A 62 -9.71 0.00 4.45
N GLY A 63 -8.91 0.33 3.45
CA GLY A 63 -7.57 0.81 3.68
C GLY A 63 -7.33 2.23 3.20
N SER A 64 -6.06 2.60 3.05
CA SER A 64 -5.72 3.97 2.70
C SER A 64 -6.05 4.30 1.25
N VAL A 65 -6.03 3.31 0.36
CA VAL A 65 -6.28 3.53 -1.06
C VAL A 65 -7.45 2.65 -1.47
N PHE A 66 -8.45 3.26 -2.10
CA PHE A 66 -9.62 2.56 -2.57
C PHE A 66 -10.25 3.36 -3.70
N SER A 67 -11.04 2.69 -4.52
CA SER A 67 -11.68 3.30 -5.68
C SER A 67 -13.19 3.20 -5.55
N ILE A 68 -13.88 4.31 -5.84
CA ILE A 68 -15.33 4.37 -5.86
C ILE A 68 -15.75 4.39 -7.33
N ILE A 69 -16.45 3.35 -7.77
CA ILE A 69 -16.81 3.19 -9.17
C ILE A 69 -18.00 4.09 -9.47
N THR A 70 -17.84 4.96 -10.47
CA THR A 70 -18.89 5.87 -10.90
C THR A 70 -19.51 5.51 -12.24
N ARG A 71 -18.83 4.69 -13.04
CA ARG A 71 -19.33 4.29 -14.35
C ARG A 71 -18.69 2.97 -14.73
N VAL A 72 -19.48 2.08 -15.32
CA VAL A 72 -19.01 0.75 -15.70
C VAL A 72 -19.43 0.46 -17.14
N GLU A 73 -18.53 -0.21 -17.86
CA GLU A 73 -18.81 -0.80 -19.17
C GLU A 73 -18.71 -2.30 -18.99
N ALA A 74 -19.86 -2.97 -18.88
CA ALA A 74 -19.92 -4.38 -18.51
C ALA A 74 -20.27 -5.23 -19.73
N THR A 75 -19.54 -6.32 -19.90
CA THR A 75 -19.80 -7.31 -20.94
C THR A 75 -20.20 -8.61 -20.26
N HIS A 76 -21.40 -9.09 -20.56
CA HIS A 76 -21.97 -10.24 -19.88
C HIS A 76 -21.87 -11.49 -20.75
N SER A 77 -21.91 -12.65 -20.08
CA SER A 77 -21.94 -13.95 -20.75
C SER A 77 -20.69 -14.18 -21.59
N GLN A 78 -19.53 -13.87 -21.01
CA GLN A 78 -18.26 -14.12 -21.67
C GLN A 78 -17.81 -15.55 -21.41
N THR A 79 -17.44 -16.26 -22.49
CA THR A 79 -16.94 -17.61 -22.39
C THR A 79 -15.84 -17.81 -23.42
N GLN A 80 -14.94 -18.75 -23.13
CA GLN A 80 -13.92 -19.13 -24.11
C GLN A 80 -14.58 -19.62 -25.39
N GLY A 81 -14.24 -19.01 -26.51
CA GLY A 81 -14.84 -19.37 -27.77
C GLY A 81 -14.39 -18.45 -28.87
N THR A 82 -14.95 -18.67 -30.05
CA THR A 82 -14.61 -17.91 -31.24
C THR A 82 -15.62 -16.79 -31.46
N CYS A 83 -15.11 -15.61 -31.78
CA CYS A 83 -15.94 -14.44 -32.02
C CYS A 83 -15.14 -13.45 -32.85
N PRO A 84 -15.81 -12.53 -33.54
CA PRO A 84 -15.07 -11.50 -34.29
C PRO A 84 -14.21 -10.65 -33.37
N GLU A 85 -13.03 -10.29 -33.87
CA GLU A 85 -12.12 -9.44 -33.12
C GLU A 85 -12.58 -7.99 -33.15
N SER A 86 -12.21 -7.25 -32.11
CA SER A 86 -12.54 -5.84 -32.04
C SER A 86 -11.99 -5.10 -33.25
N ILE A 87 -12.82 -4.25 -33.86
CA ILE A 87 -12.40 -3.50 -35.03
C ILE A 87 -11.29 -2.53 -34.71
N ARG A 88 -11.09 -2.20 -33.43
CA ARG A 88 -10.03 -1.28 -33.03
C ARG A 88 -8.66 -1.93 -32.98
N VAL A 89 -8.59 -3.25 -33.04
CA VAL A 89 -7.32 -3.96 -33.00
C VAL A 89 -6.67 -3.91 -34.38
N HIS A 90 -5.36 -3.72 -34.44
CA HIS A 90 -4.64 -3.55 -35.73
C HIS A 90 -4.74 -4.82 -36.60
N ASN A 91 -5.03 -4.64 -37.89
CA ASN A 91 -5.11 -5.77 -38.85
C ASN A 91 -6.37 -6.61 -38.59
N ALA A 92 -7.25 -6.12 -37.72
CA ALA A 92 -8.53 -6.83 -37.47
C ALA A 92 -9.35 -6.88 -38.75
N THR A 93 -9.73 -5.75 -39.32
CA THR A 93 -10.62 -5.73 -40.47
C THR A 93 -10.10 -6.61 -41.59
N CYS A 94 -11.00 -7.37 -42.20
CA CYS A 94 -10.66 -8.29 -43.27
C CYS A 94 -11.76 -8.32 -44.31
N LEU A 95 -11.38 -8.69 -45.53
CA LEU A 95 -12.28 -8.80 -46.65
C LEU A 95 -12.48 -10.23 -47.13
N SER A 96 -11.57 -11.14 -46.78
CA SER A 96 -11.72 -12.55 -47.09
C SER A 96 -10.87 -13.34 -46.11
N ASP A 97 -11.05 -14.65 -46.14
CA ASP A 97 -10.32 -15.49 -45.19
C ASP A 97 -8.82 -15.40 -45.41
N ALA A 98 -8.38 -15.11 -46.63
CA ALA A 98 -6.96 -15.01 -46.92
C ALA A 98 -6.30 -13.83 -46.21
N ASP A 99 -7.08 -12.85 -45.76
CA ASP A 99 -6.54 -11.66 -45.11
C ASP A 99 -6.21 -11.88 -43.64
N CYS A 100 -6.57 -13.03 -43.08
CA CYS A 100 -6.28 -13.35 -41.69
C CYS A 100 -5.52 -14.67 -41.63
N VAL A 101 -4.42 -14.68 -40.89
CA VAL A 101 -3.57 -15.85 -40.76
C VAL A 101 -3.79 -16.45 -39.38
N ALA A 102 -3.73 -17.78 -39.29
CA ALA A 102 -4.04 -18.48 -38.05
C ALA A 102 -2.83 -18.47 -37.11
N GLY A 103 -3.09 -18.24 -35.83
CA GLY A 103 -2.10 -18.38 -34.79
C GLY A 103 -1.52 -17.09 -34.25
N GLU A 104 -1.74 -15.95 -34.91
CA GLU A 104 -1.23 -14.70 -34.39
C GLU A 104 -1.94 -14.34 -33.09
N LEU A 105 -1.17 -13.86 -32.12
CA LEU A 105 -1.68 -13.47 -30.81
C LEU A 105 -1.16 -12.08 -30.50
N ASP A 106 -1.90 -11.07 -30.91
CA ASP A 106 -1.55 -9.69 -30.58
C ASP A 106 -1.69 -9.46 -29.07
N MET A 107 -0.67 -8.86 -28.47
CA MET A 107 -0.75 -8.54 -27.05
C MET A 107 -1.86 -7.55 -26.76
N LEU A 108 -2.14 -6.65 -27.71
CA LEU A 108 -3.22 -5.69 -27.57
C LEU A 108 -4.53 -6.20 -28.14
N GLY A 109 -4.56 -7.44 -28.64
CA GLY A 109 -5.78 -8.06 -29.12
C GLY A 109 -6.55 -8.74 -28.00
N ASN A 110 -7.57 -9.50 -28.40
CA ASN A 110 -8.47 -10.15 -27.47
C ASN A 110 -8.50 -11.66 -27.63
N GLY A 111 -7.52 -12.25 -28.31
CA GLY A 111 -7.47 -13.68 -28.44
C GLY A 111 -6.59 -14.11 -29.60
N LEU A 112 -6.65 -15.41 -29.87
CA LEU A 112 -5.80 -16.06 -30.86
C LEU A 112 -6.56 -16.17 -32.18
N ARG A 113 -5.97 -15.61 -33.24
CA ARG A 113 -6.64 -15.61 -34.53
C ARG A 113 -6.84 -17.04 -35.03
N THR A 114 -8.07 -17.32 -35.54
CA THR A 114 -8.46 -18.63 -36.02
C THR A 114 -8.14 -18.84 -37.49
N GLY A 115 -7.73 -17.79 -38.21
CA GLY A 115 -7.49 -17.88 -39.62
C GLY A 115 -8.69 -17.55 -40.48
N ARG A 116 -9.84 -17.29 -39.87
CA ARG A 116 -11.06 -17.01 -40.61
C ARG A 116 -11.40 -15.52 -40.54
N CYS A 117 -12.46 -15.15 -41.24
CA CYS A 117 -12.96 -13.78 -41.29
C CYS A 117 -14.47 -13.84 -41.14
N VAL A 118 -14.99 -13.25 -40.07
CA VAL A 118 -16.41 -13.37 -39.77
C VAL A 118 -17.06 -11.99 -39.69
N PRO A 119 -18.37 -11.91 -39.91
CA PRO A 119 -19.05 -10.63 -39.80
C PRO A 119 -18.92 -10.05 -38.41
N TYR A 120 -18.78 -8.73 -38.35
CA TYR A 120 -18.65 -8.03 -37.09
C TYR A 120 -19.99 -8.01 -36.37
N TYR A 121 -19.95 -7.63 -35.08
CA TYR A 121 -21.17 -7.53 -34.29
C TYR A 121 -22.13 -6.53 -34.91
N GLN A 122 -21.62 -5.39 -35.35
CA GLN A 122 -22.40 -4.37 -36.05
C GLN A 122 -21.89 -4.30 -37.48
N GLY A 123 -22.73 -4.74 -38.43
CA GLY A 123 -22.35 -4.76 -39.82
C GLY A 123 -22.10 -3.37 -40.37
N PRO A 124 -21.74 -3.28 -41.66
CA PRO A 124 -21.52 -4.39 -42.59
C PRO A 124 -20.08 -4.90 -42.62
N SER A 125 -19.24 -4.40 -41.71
CA SER A 125 -17.82 -4.73 -41.74
C SER A 125 -17.59 -6.17 -41.31
N LYS A 126 -16.37 -6.66 -41.57
CA LYS A 126 -15.93 -7.99 -41.18
C LYS A 126 -14.57 -7.88 -40.50
N THR A 127 -14.35 -8.75 -39.51
CA THR A 127 -13.12 -8.73 -38.74
C THR A 127 -12.59 -10.15 -38.56
N CYS A 128 -11.27 -10.26 -38.40
CA CYS A 128 -10.65 -11.55 -38.22
C CYS A 128 -11.21 -12.25 -36.97
N GLU A 129 -11.48 -13.54 -37.10
CA GLU A 129 -11.99 -14.32 -35.98
C GLU A 129 -10.86 -14.68 -35.02
N VAL A 130 -11.16 -14.62 -33.72
CA VAL A 130 -10.20 -14.97 -32.68
C VAL A 130 -10.87 -15.92 -31.70
N PHE A 131 -10.03 -16.66 -30.98
CA PHE A 131 -10.48 -17.50 -29.88
C PHE A 131 -10.08 -16.85 -28.57
N GLY A 132 -11.04 -16.75 -27.65
CA GLY A 132 -10.76 -16.15 -26.36
C GLY A 132 -12.05 -15.89 -25.61
N TRP A 133 -11.96 -15.00 -24.63
CA TRP A 133 -13.15 -14.58 -23.89
C TRP A 133 -14.06 -13.79 -24.83
N CYS A 134 -15.22 -14.36 -25.14
CA CYS A 134 -16.10 -13.80 -26.15
C CYS A 134 -17.52 -13.70 -25.60
N PRO A 135 -18.28 -12.67 -26.03
CA PRO A 135 -17.89 -11.64 -27.01
C PRO A 135 -16.96 -10.58 -26.43
N VAL A 136 -16.24 -9.89 -27.32
CA VAL A 136 -15.26 -8.90 -26.87
C VAL A 136 -16.00 -7.66 -26.36
N GLU A 137 -15.32 -6.92 -25.47
CA GLU A 137 -15.96 -5.78 -24.81
C GLU A 137 -16.34 -4.69 -25.81
N ASP A 138 -15.47 -4.44 -26.78
CA ASP A 138 -15.71 -3.37 -27.75
C ASP A 138 -16.85 -3.67 -28.72
N GLY A 139 -17.57 -4.78 -28.56
CA GLY A 139 -18.68 -5.09 -29.43
C GLY A 139 -19.91 -5.59 -28.70
N ALA A 140 -19.80 -5.75 -27.38
CA ALA A 140 -20.92 -6.26 -26.59
C ALA A 140 -21.09 -5.55 -25.25
N SER A 141 -20.37 -4.47 -25.01
CA SER A 141 -20.45 -3.80 -23.72
C SER A 141 -21.65 -2.86 -23.65
N VAL A 142 -22.17 -2.68 -22.44
CA VAL A 142 -23.23 -1.73 -22.15
C VAL A 142 -22.76 -0.85 -21.00
N SER A 143 -22.97 0.47 -21.14
CA SER A 143 -22.47 1.43 -20.16
C SER A 143 -23.56 1.81 -19.17
N GLN A 144 -23.17 1.90 -17.90
CA GLN A 144 -24.04 2.34 -16.82
C GLN A 144 -23.37 3.47 -16.07
N PHE A 145 -24.15 4.48 -15.70
CA PHE A 145 -23.69 5.53 -14.81
C PHE A 145 -24.28 5.30 -13.43
N LEU A 146 -23.40 5.19 -12.41
CA LEU A 146 -23.81 4.91 -11.02
C LEU A 146 -23.20 5.98 -10.11
N GLY A 147 -22.90 7.17 -10.65
CA GLY A 147 -22.30 8.25 -9.86
C GLY A 147 -23.28 9.40 -9.66
N THR A 148 -24.55 9.16 -9.97
CA THR A 148 -25.56 10.20 -9.80
C THR A 148 -25.66 10.65 -8.35
N MET A 149 -25.47 9.71 -7.42
CA MET A 149 -25.58 9.96 -5.96
C MET A 149 -24.22 9.78 -5.28
N ALA A 150 -23.13 9.58 -6.03
CA ALA A 150 -21.80 9.52 -5.44
C ALA A 150 -21.40 10.79 -4.70
N PRO A 151 -21.74 12.01 -5.14
CA PRO A 151 -21.37 13.18 -4.33
C PRO A 151 -21.97 13.13 -2.95
N ASN A 152 -23.08 12.42 -2.76
CA ASN A 152 -23.77 12.30 -1.47
C ASN A 152 -23.18 11.13 -0.68
N PHE A 153 -22.32 10.29 -1.27
CA PHE A 153 -21.65 9.19 -0.55
C PHE A 153 -20.82 9.82 0.57
N THR A 154 -20.48 9.07 1.60
CA THR A 154 -19.66 9.57 2.75
C THR A 154 -18.46 8.64 2.90
N ILE A 155 -17.37 9.11 3.48
CA ILE A 155 -16.11 8.31 3.66
C ILE A 155 -15.59 8.57 5.07
N LEU A 156 -15.76 7.63 5.99
CA LEU A 156 -15.20 7.75 7.34
C LEU A 156 -13.75 7.29 7.30
N ILE A 157 -12.84 8.19 7.64
CA ILE A 157 -11.41 7.89 7.68
C ILE A 157 -10.97 7.92 9.14
N LYS A 158 -10.57 6.78 9.65
CA LYS A 158 -10.05 6.67 11.01
C LYS A 158 -8.53 6.61 10.96
N ASN A 159 -7.89 7.61 11.54
CA ASN A 159 -6.43 7.73 11.51
C ASN A 159 -5.90 7.80 12.93
N SER A 160 -4.80 7.07 13.17
CA SER A 160 -4.14 7.06 14.47
C SER A 160 -2.65 7.03 14.22
N ILE A 161 -1.95 8.10 14.60
CA ILE A 161 -0.51 8.20 14.39
C ILE A 161 0.21 7.84 15.68
N HIS A 162 1.51 7.58 15.55
CA HIS A 162 2.35 7.26 16.69
C HIS A 162 3.75 7.81 16.44
N TYR A 163 4.37 8.32 17.50
CA TYR A 163 5.75 8.79 17.46
C TYR A 163 6.52 7.88 18.42
N PRO A 164 7.28 6.91 17.92
CA PRO A 164 7.94 5.95 18.83
C PRO A 164 9.00 6.64 19.66
N LYS A 165 9.72 7.61 19.09
CA LYS A 165 10.72 8.33 19.86
C LYS A 165 10.09 9.00 21.07
N PHE A 166 8.92 9.61 20.89
CA PHE A 166 8.25 10.35 21.93
C PHE A 166 7.12 9.58 22.60
N HIS A 167 6.85 8.35 22.15
CA HIS A 167 5.81 7.52 22.73
C HIS A 167 4.48 8.26 22.79
N PHE A 168 4.19 9.00 21.72
CA PHE A 168 2.97 9.79 21.62
C PHE A 168 2.05 9.15 20.58
N SER A 169 0.77 9.04 20.94
CA SER A 169 -0.23 8.51 20.03
C SER A 169 -1.49 9.37 20.14
N LYS A 170 -2.05 9.74 18.99
CA LYS A 170 -3.29 10.49 18.94
C LYS A 170 -4.09 10.07 17.71
N GLY A 171 -5.41 10.01 17.87
CA GLY A 171 -6.32 9.72 16.78
C GLY A 171 -7.15 10.94 16.40
N ASN A 172 -7.91 10.77 15.32
CA ASN A 172 -8.73 11.82 14.76
C ASN A 172 -10.20 11.71 15.16
N ILE A 173 -10.53 10.85 16.12
CA ILE A 173 -11.88 10.72 16.66
C ILE A 173 -11.78 10.83 18.17
N ALA A 174 -12.65 11.65 18.76
CA ALA A 174 -12.61 11.90 20.19
C ALA A 174 -13.43 10.86 20.95
N ASP A 175 -13.08 10.70 22.22
CA ASP A 175 -13.77 9.76 23.11
C ASP A 175 -15.02 10.44 23.67
N ARG A 176 -16.14 10.24 22.98
CA ARG A 176 -17.41 10.83 23.37
C ARG A 176 -18.47 9.74 23.48
N THR A 177 -19.21 9.74 24.59
CA THR A 177 -20.27 8.76 24.78
C THR A 177 -21.50 9.06 23.94
N ASP A 178 -21.69 10.30 23.52
CA ASP A 178 -22.85 10.65 22.71
C ASP A 178 -22.67 10.13 21.28
N GLY A 179 -23.79 10.08 20.56
CA GLY A 179 -23.78 9.63 19.18
C GLY A 179 -23.31 10.71 18.23
N TYR A 180 -22.15 11.31 18.54
CA TYR A 180 -21.63 12.39 17.71
C TYR A 180 -21.30 11.90 16.31
N LEU A 181 -20.60 10.78 16.21
CA LEU A 181 -20.16 10.27 14.91
C LEU A 181 -21.32 9.81 14.05
N LYS A 182 -22.52 9.68 14.62
CA LYS A 182 -23.71 9.30 13.87
C LYS A 182 -24.52 10.49 13.38
N ARG A 183 -24.17 11.70 13.82
CA ARG A 183 -24.96 12.88 13.48
C ARG A 183 -24.08 14.09 13.14
N CYS A 184 -22.81 13.87 12.82
CA CYS A 184 -21.86 14.95 12.64
C CYS A 184 -21.45 15.08 11.19
N THR A 185 -21.02 16.29 10.83
CA THR A 185 -20.49 16.60 9.51
C THR A 185 -19.15 17.30 9.67
N PHE A 186 -18.15 16.83 8.95
CA PHE A 186 -16.81 17.38 9.10
C PHE A 186 -16.80 18.88 8.85
N HIS A 187 -16.08 19.60 9.70
CA HIS A 187 -15.80 21.01 9.49
C HIS A 187 -14.39 21.29 9.97
N GLU A 188 -13.69 22.15 9.23
CA GLU A 188 -12.29 22.43 9.55
C GLU A 188 -12.12 22.93 10.98
N ALA A 189 -13.13 23.59 11.53
CA ALA A 189 -13.05 24.18 12.87
C ALA A 189 -14.00 23.52 13.86
N SER A 190 -15.30 23.52 13.56
CA SER A 190 -16.28 23.09 14.55
C SER A 190 -16.30 21.57 14.73
N ASP A 191 -16.03 20.82 13.67
CA ASP A 191 -16.14 19.36 13.68
C ASP A 191 -14.88 18.74 13.10
N LEU A 192 -13.72 19.21 13.57
CA LEU A 192 -12.45 18.67 13.08
C LEU A 192 -12.30 17.20 13.42
N TYR A 193 -12.92 16.75 14.52
CA TYR A 193 -12.82 15.37 14.95
C TYR A 193 -14.06 14.57 14.58
N CYS A 194 -14.66 14.88 13.43
CA CYS A 194 -15.71 14.09 12.80
C CYS A 194 -15.20 13.76 11.40
N PRO A 195 -14.33 12.75 11.27
CA PRO A 195 -13.67 12.47 9.99
C PRO A 195 -14.54 11.73 8.99
N ILE A 196 -15.77 12.21 8.81
CA ILE A 196 -16.70 11.68 7.84
C ILE A 196 -16.88 12.75 6.77
N PHE A 197 -16.42 12.44 5.56
CA PHE A 197 -16.37 13.41 4.47
C PHE A 197 -17.30 12.99 3.35
N LYS A 198 -18.10 13.93 2.86
CA LYS A 198 -18.84 13.72 1.63
C LYS A 198 -17.90 13.69 0.44
N LEU A 199 -18.18 12.79 -0.51
CA LEU A 199 -17.36 12.71 -1.71
C LEU A 199 -17.43 14.01 -2.51
N GLY A 200 -18.63 14.61 -2.59
CA GLY A 200 -18.74 15.90 -3.25
C GLY A 200 -17.93 16.98 -2.55
N PHE A 201 -17.92 16.96 -1.22
CA PHE A 201 -17.10 17.91 -0.46
C PHE A 201 -15.62 17.74 -0.80
N ILE A 202 -15.15 16.49 -0.83
CA ILE A 202 -13.75 16.23 -1.15
C ILE A 202 -13.43 16.71 -2.56
N VAL A 203 -14.34 16.44 -3.50
CA VAL A 203 -14.09 16.81 -4.90
C VAL A 203 -14.06 18.33 -5.05
N GLU A 204 -14.99 19.04 -4.39
CA GLU A 204 -14.99 20.49 -4.46
C GLU A 204 -13.73 21.08 -3.85
N LYS A 205 -13.36 20.62 -2.65
CA LYS A 205 -12.16 21.14 -2.00
C LYS A 205 -10.91 20.87 -2.82
N ALA A 206 -10.94 19.88 -3.70
CA ALA A 206 -9.85 19.64 -4.64
C ALA A 206 -9.96 20.50 -5.89
N GLY A 207 -11.01 21.30 -6.01
CA GLY A 207 -11.19 22.14 -7.19
C GLY A 207 -11.42 21.37 -8.46
N GLU A 208 -12.27 20.36 -8.42
CA GLU A 208 -12.59 19.53 -9.58
C GLU A 208 -14.10 19.54 -9.81
N SER A 209 -14.52 19.08 -10.98
CA SER A 209 -15.97 18.90 -11.31
C SER A 209 -16.31 17.43 -11.04
N PHE A 210 -17.50 17.14 -10.53
CA PHE A 210 -17.94 15.75 -10.22
C PHE A 210 -18.43 15.10 -11.50
N THR A 211 -18.90 15.89 -12.48
CA THR A 211 -19.33 15.36 -13.79
C THR A 211 -18.09 14.82 -14.49
N GLU A 212 -17.06 15.66 -14.65
CA GLU A 212 -15.80 15.27 -15.32
C GLU A 212 -15.19 14.07 -14.60
N LEU A 213 -15.03 14.11 -13.27
CA LEU A 213 -14.34 13.03 -12.52
C LEU A 213 -15.23 11.78 -12.40
N ALA A 214 -16.53 11.89 -12.65
CA ALA A 214 -17.46 10.73 -12.62
C ALA A 214 -17.47 10.07 -13.99
N HIS A 215 -17.17 10.83 -15.05
CA HIS A 215 -17.16 10.28 -16.43
C HIS A 215 -15.80 9.62 -16.68
N LYS A 216 -14.70 10.37 -16.60
CA LYS A 216 -13.38 9.83 -16.93
C LYS A 216 -12.75 9.07 -15.77
N GLY A 217 -12.97 9.52 -14.53
CA GLY A 217 -12.27 8.99 -13.39
C GLY A 217 -11.06 9.84 -13.03
N GLY A 218 -10.45 9.47 -11.90
CA GLY A 218 -9.27 10.18 -11.46
C GLY A 218 -8.90 9.78 -10.06
N VAL A 219 -7.94 10.52 -9.50
CA VAL A 219 -7.36 10.22 -8.20
C VAL A 219 -7.37 11.50 -7.38
N ILE A 220 -8.01 11.46 -6.21
CA ILE A 220 -8.03 12.58 -5.27
C ILE A 220 -7.32 12.13 -4.00
N GLY A 221 -6.38 12.95 -3.52
CA GLY A 221 -5.67 12.66 -2.30
C GLY A 221 -6.29 13.34 -1.11
N VAL A 222 -6.48 12.59 -0.03
CA VAL A 222 -6.91 13.13 1.26
C VAL A 222 -5.67 13.15 2.13
N ILE A 223 -5.06 14.32 2.28
CA ILE A 223 -3.80 14.46 2.99
C ILE A 223 -4.08 14.92 4.40
N ILE A 224 -3.56 14.17 5.37
CA ILE A 224 -3.70 14.50 6.79
C ILE A 224 -2.31 14.84 7.32
N ASN A 225 -2.16 16.05 7.84
CA ASN A 225 -0.90 16.52 8.37
C ASN A 225 -1.01 16.65 9.88
N TRP A 226 -0.12 15.95 10.60
CA TRP A 226 0.00 16.05 12.05
C TRP A 226 1.30 16.80 12.34
N ASP A 227 1.24 18.13 12.42
CA ASP A 227 2.41 18.96 12.81
C ASP A 227 2.26 19.17 14.32
N CYS A 228 2.81 18.27 15.14
CA CYS A 228 2.63 18.29 16.62
C CYS A 228 3.80 18.93 17.35
N ASP A 229 3.54 19.78 18.35
CA ASP A 229 4.58 20.36 19.24
C ASP A 229 4.34 19.68 20.57
N LEU A 230 5.10 18.63 20.92
CA LEU A 230 4.84 17.82 22.09
C LEU A 230 5.25 18.50 23.39
N ASP A 231 5.89 19.66 23.33
CA ASP A 231 6.12 20.46 24.51
C ASP A 231 4.84 21.12 25.01
N LEU A 232 3.76 21.06 24.25
CA LEU A 232 2.46 21.60 24.58
C LEU A 232 1.48 20.47 24.89
N PRO A 233 0.29 20.80 25.40
CA PRO A 233 -0.69 19.75 25.68
C PRO A 233 -1.09 19.00 24.42
N ALA A 234 -1.44 17.73 24.61
CA ALA A 234 -1.86 16.90 23.48
C ALA A 234 -3.08 17.47 22.78
N SER A 235 -3.88 18.29 23.47
CA SER A 235 -5.01 18.94 22.83
C SER A 235 -4.58 19.85 21.69
N GLU A 236 -3.29 20.19 21.63
CA GLU A 236 -2.74 21.11 20.59
C GLU A 236 -2.40 20.35 19.30
N CYS A 237 -1.99 19.08 19.37
CA CYS A 237 -1.59 18.27 18.17
C CYS A 237 -2.86 17.74 17.49
N ASN A 238 -3.43 18.49 16.54
CA ASN A 238 -4.69 18.12 15.85
C ASN A 238 -4.38 17.81 14.38
N PRO A 239 -5.27 17.13 13.63
CA PRO A 239 -5.06 16.86 12.21
C PRO A 239 -5.41 18.07 11.35
N LYS A 240 -4.71 18.15 10.22
CA LYS A 240 -4.97 19.16 9.19
C LYS A 240 -5.28 18.43 7.89
N TYR A 241 -6.47 18.67 7.36
CA TYR A 241 -6.95 17.93 6.19
C TYR A 241 -6.81 18.78 4.94
N SER A 242 -6.23 18.18 3.90
CA SER A 242 -6.05 18.83 2.60
C SER A 242 -6.55 17.89 1.52
N PHE A 243 -7.25 18.45 0.54
CA PHE A 243 -7.85 17.67 -0.55
C PHE A 243 -7.36 18.25 -1.86
N ARG A 244 -6.75 17.39 -2.69
CA ARG A 244 -6.21 17.83 -3.97
C ARG A 244 -6.10 16.63 -4.89
N ARG A 245 -6.34 16.88 -6.18
CA ARG A 245 -6.22 15.83 -7.18
C ARG A 245 -4.75 15.48 -7.40
N LEU A 246 -4.46 14.18 -7.48
CA LEU A 246 -3.09 13.71 -7.63
C LEU A 246 -2.74 13.31 -9.05
N ASP A 247 -3.72 13.05 -9.90
CA ASP A 247 -3.48 12.69 -11.28
C ASP A 247 -3.65 13.91 -12.18
N PRO A 248 -2.99 13.93 -13.34
CA PRO A 248 -3.10 15.10 -14.23
C PRO A 248 -4.51 15.29 -14.75
N LYS A 249 -4.85 16.57 -14.98
CA LYS A 249 -6.11 16.94 -15.61
C LYS A 249 -5.93 17.66 -16.94
N HIS A 250 -4.77 18.27 -17.18
CA HIS A 250 -4.50 18.96 -18.44
C HIS A 250 -3.90 18.06 -19.50
N VAL A 251 -3.55 16.82 -19.16
CA VAL A 251 -2.90 15.89 -20.07
C VAL A 251 -3.94 14.87 -20.52
N PRO A 252 -4.43 14.93 -21.76
CA PRO A 252 -5.48 13.98 -22.17
C PRO A 252 -5.05 12.53 -22.12
N ALA A 253 -3.77 12.24 -22.37
CA ALA A 253 -3.32 10.85 -22.42
C ALA A 253 -3.26 10.24 -21.02
N SER A 254 -2.76 10.99 -20.04
CA SER A 254 -2.59 10.50 -18.68
C SER A 254 -3.75 10.85 -17.75
N SER A 255 -4.80 11.48 -18.27
CA SER A 255 -5.92 11.90 -17.44
C SER A 255 -6.97 10.79 -17.38
N GLY A 256 -7.48 10.55 -16.19
CA GLY A 256 -8.48 9.53 -15.96
C GLY A 256 -7.96 8.42 -15.05
N TYR A 257 -8.86 7.51 -14.68
CA TYR A 257 -8.51 6.35 -13.83
C TYR A 257 -9.57 5.29 -14.05
N ASN A 258 -9.20 4.14 -14.60
CA ASN A 258 -10.14 3.04 -14.88
C ASN A 258 -9.46 1.69 -14.64
N PHE A 259 -10.23 0.63 -14.42
CA PHE A 259 -9.68 -0.71 -14.26
C PHE A 259 -10.75 -1.70 -14.67
N ARG A 260 -10.31 -2.91 -14.98
CA ARG A 260 -11.19 -3.99 -15.39
C ARG A 260 -11.16 -5.11 -14.35
N PHE A 261 -12.34 -5.58 -13.96
CA PHE A 261 -12.48 -6.76 -13.12
C PHE A 261 -13.67 -7.55 -13.61
N ALA A 262 -13.72 -8.82 -13.24
CA ALA A 262 -14.73 -9.73 -13.75
C ALA A 262 -15.36 -10.52 -12.61
N LYS A 263 -16.60 -10.94 -12.85
CA LYS A 263 -17.32 -11.83 -11.96
C LYS A 263 -17.51 -13.15 -12.70
N TYR A 264 -17.05 -14.23 -12.09
CA TYR A 264 -17.02 -15.54 -12.73
C TYR A 264 -18.15 -16.43 -12.23
N TYR A 265 -18.83 -17.08 -13.16
CA TYR A 265 -19.94 -17.98 -12.87
C TYR A 265 -19.70 -19.31 -13.56
N LYS A 266 -20.63 -20.22 -13.36
CA LYS A 266 -20.59 -21.54 -14.00
C LYS A 266 -22.01 -21.93 -14.36
N ILE A 267 -22.33 -21.82 -15.64
CA ILE A 267 -23.67 -22.09 -16.15
C ILE A 267 -23.60 -23.36 -16.99
N ASN A 268 -24.27 -24.42 -16.53
CA ASN A 268 -24.25 -25.71 -17.22
C ASN A 268 -22.84 -26.28 -17.29
N GLY A 269 -22.05 -26.03 -16.26
CA GLY A 269 -20.70 -26.54 -16.18
C GLY A 269 -19.66 -25.77 -16.95
N THR A 270 -20.03 -24.69 -17.62
CA THR A 270 -19.12 -23.88 -18.41
C THR A 270 -18.81 -22.60 -17.65
N THR A 271 -17.53 -22.27 -17.54
CA THR A 271 -17.11 -21.08 -16.81
C THR A 271 -17.41 -19.83 -17.63
N THR A 272 -18.41 -19.07 -17.19
CA THR A 272 -18.79 -17.82 -17.81
C THR A 272 -18.44 -16.68 -16.87
N ARG A 273 -18.20 -15.50 -17.43
CA ARG A 273 -17.84 -14.34 -16.63
C ARG A 273 -18.55 -13.10 -17.14
N THR A 274 -18.64 -12.12 -16.26
CA THR A 274 -19.06 -10.77 -16.60
C THR A 274 -17.84 -9.86 -16.45
N LEU A 275 -17.37 -9.30 -17.55
CA LEU A 275 -16.26 -8.37 -17.52
C LEU A 275 -16.78 -6.95 -17.33
N ILE A 276 -16.19 -6.22 -16.38
CA ILE A 276 -16.61 -4.88 -16.04
C ILE A 276 -15.40 -3.96 -16.14
N LYS A 277 -15.50 -2.95 -17.00
CA LYS A 277 -14.55 -1.85 -17.02
C LYS A 277 -15.12 -0.72 -16.17
N ALA A 278 -14.39 -0.35 -15.11
CA ALA A 278 -14.90 0.57 -14.11
C ALA A 278 -14.13 1.88 -14.20
N TYR A 279 -14.86 2.96 -14.43
CA TYR A 279 -14.33 4.31 -14.30
C TYR A 279 -14.79 4.85 -12.95
N GLY A 280 -13.83 5.24 -12.11
CA GLY A 280 -14.18 5.67 -10.78
C GLY A 280 -13.16 6.61 -10.22
N ILE A 281 -13.43 7.07 -9.01
CA ILE A 281 -12.59 8.02 -8.30
C ILE A 281 -11.79 7.23 -7.28
N ARG A 282 -10.47 7.26 -7.41
CA ARG A 282 -9.60 6.64 -6.45
C ARG A 282 -9.30 7.64 -5.34
N ILE A 283 -9.60 7.24 -4.11
CA ILE A 283 -9.35 8.07 -2.93
C ILE A 283 -8.07 7.55 -2.28
N ASP A 284 -7.08 8.42 -2.15
CA ASP A 284 -5.80 8.09 -1.54
C ASP A 284 -5.66 8.93 -0.27
N VAL A 285 -5.51 8.27 0.86
CA VAL A 285 -5.37 8.95 2.14
C VAL A 285 -3.89 8.99 2.48
N ILE A 286 -3.32 10.17 2.43
CA ILE A 286 -1.89 10.39 2.65
C ILE A 286 -1.74 11.09 4.00
N VAL A 287 -0.92 10.52 4.88
CA VAL A 287 -0.75 11.03 6.23
C VAL A 287 0.69 11.48 6.41
N HIS A 288 0.86 12.77 6.69
CA HIS A 288 2.15 13.36 6.99
C HIS A 288 2.17 13.79 8.44
N GLY A 289 3.32 13.61 9.09
CA GLY A 289 3.45 13.98 10.48
C GLY A 289 4.84 14.41 10.87
N GLN A 290 4.94 15.53 11.57
CA GLN A 290 6.20 16.00 12.13
C GLN A 290 5.96 16.42 13.57
N ALA A 291 6.78 15.90 14.47
CA ALA A 291 6.66 16.16 15.89
C ALA A 291 8.00 16.56 16.45
N GLY A 292 7.96 17.45 17.44
CA GLY A 292 9.16 17.90 18.10
C GLY A 292 8.94 18.05 19.59
N LYS A 293 9.92 17.62 20.38
CA LYS A 293 9.85 17.73 21.82
C LYS A 293 11.21 18.19 22.34
N PHE A 294 11.17 19.06 23.35
CA PHE A 294 12.39 19.67 23.85
C PHE A 294 13.36 18.63 24.40
N SER A 295 14.63 18.73 23.98
CA SER A 295 15.69 17.86 24.46
C SER A 295 16.92 18.70 24.78
N LEU A 296 17.63 18.33 25.84
CA LEU A 296 18.79 19.09 26.30
C LEU A 296 19.98 19.01 25.36
N ILE A 297 20.13 17.94 24.58
CA ILE A 297 21.31 17.76 23.73
C ILE A 297 21.31 18.77 22.59
N PRO A 298 20.27 18.82 21.76
CA PRO A 298 20.20 19.85 20.75
C PRO A 298 20.33 21.25 21.33
N THR A 299 19.74 21.46 22.51
CA THR A 299 19.84 22.75 23.17
C THR A 299 21.30 23.12 23.41
N ILE A 300 22.06 22.23 24.03
CA ILE A 300 23.46 22.55 24.32
C ILE A 300 24.26 22.70 23.05
N ILE A 301 24.04 21.82 22.07
CA ILE A 301 24.82 21.87 20.83
C ILE A 301 24.58 23.20 20.11
N ASN A 302 23.32 23.58 19.95
CA ASN A 302 23.03 24.79 19.20
C ASN A 302 23.36 26.04 20.00
N LEU A 303 23.31 25.96 21.34
CA LEU A 303 23.81 27.06 22.15
C LEU A 303 25.31 27.24 21.97
N ALA A 304 26.04 26.12 21.88
CA ALA A 304 27.45 26.20 21.58
C ALA A 304 27.70 26.83 20.22
N THR A 305 26.90 26.48 19.21
CA THR A 305 27.05 27.11 17.88
C THR A 305 26.74 28.61 17.99
N ALA A 306 25.76 28.94 18.82
CA ALA A 306 25.36 30.34 18.99
C ALA A 306 26.53 31.13 19.57
N LEU A 307 27.08 30.66 20.69
CA LEU A 307 28.25 31.33 21.32
C LEU A 307 29.41 31.37 20.31
N THR A 308 29.58 30.30 19.54
CA THR A 308 30.68 30.22 18.56
C THR A 308 30.57 31.41 17.60
N SER A 309 29.40 31.66 17.01
CA SER A 309 29.36 32.75 16.00
C SER A 309 29.33 34.10 16.73
N VAL A 310 28.79 34.13 17.94
CA VAL A 310 28.85 35.38 18.74
C VAL A 310 30.31 35.83 18.76
N GLY A 311 31.19 34.91 19.11
CA GLY A 311 32.64 35.19 19.14
C GLY A 311 33.10 35.79 17.83
N VAL A 312 32.97 35.05 16.73
CA VAL A 312 33.48 35.51 15.41
C VAL A 312 32.85 36.85 15.06
N GLY A 313 31.57 37.01 15.34
CA GLY A 313 30.91 38.30 15.08
C GLY A 313 31.63 39.39 15.85
N SER A 314 32.13 39.06 17.04
CA SER A 314 32.82 40.07 17.87
C SER A 314 34.22 40.33 17.30
N PHE A 315 34.96 39.27 16.94
CA PHE A 315 36.36 39.45 16.48
C PHE A 315 36.40 40.12 15.09
N LEU A 316 35.37 39.94 14.27
CA LEU A 316 35.33 40.66 12.96
C LEU A 316 34.96 42.13 13.20
N CYS A 317 34.12 42.38 14.21
CA CYS A 317 33.78 43.78 14.58
C CYS A 317 35.09 44.46 14.98
N ASP A 318 35.99 43.73 15.64
CA ASP A 318 37.32 44.33 15.90
C ASP A 318 38.05 44.41 14.56
N TRP A 319 38.10 43.30 13.83
CA TRP A 319 38.80 43.26 12.52
C TRP A 319 37.90 43.85 11.42
N VAL B 1 49.18 40.60 3.90
CA VAL B 1 49.61 39.76 2.79
C VAL B 1 49.04 38.35 2.95
N LEU B 2 49.80 37.49 3.63
CA LEU B 2 49.34 36.12 3.83
C LEU B 2 47.97 36.08 4.48
N TYR B 3 47.65 37.09 5.29
CA TYR B 3 46.28 37.21 5.79
C TYR B 3 45.30 37.39 4.65
N ARG B 4 45.66 38.24 3.67
CA ARG B 4 44.80 38.42 2.50
C ARG B 4 44.72 37.14 1.67
N ALA B 5 45.85 36.47 1.46
CA ALA B 5 45.82 35.22 0.71
C ALA B 5 45.01 34.17 1.43
N VAL B 6 45.15 34.09 2.75
CA VAL B 6 44.35 33.14 3.52
C VAL B 6 42.87 33.48 3.41
N GLN B 7 42.53 34.76 3.47
CA GLN B 7 41.16 35.19 3.25
C GLN B 7 40.64 34.69 1.90
N LEU B 8 41.42 34.88 0.85
CA LEU B 8 40.98 34.47 -0.48
C LEU B 8 40.78 32.97 -0.53
N LEU B 9 41.72 32.21 0.03
CA LEU B 9 41.64 30.75 -0.02
C LEU B 9 40.42 30.26 0.75
N ILE B 10 40.24 30.75 1.98
CA ILE B 10 39.11 30.30 2.79
C ILE B 10 37.80 30.66 2.12
N LEU B 11 37.70 31.87 1.57
CA LEU B 11 36.49 32.26 0.88
C LEU B 11 36.21 31.33 -0.29
N LEU B 12 37.13 31.27 -1.25
CA LEU B 12 36.95 30.39 -2.40
C LEU B 12 36.48 29.01 -1.98
N TYR B 13 37.15 28.42 -0.97
CA TYR B 13 36.70 27.11 -0.50
C TYR B 13 35.25 27.14 -0.09
N PHE B 14 34.87 28.07 0.78
CA PHE B 14 33.50 28.10 1.27
C PHE B 14 32.52 28.28 0.13
N VAL B 15 32.68 29.34 -0.64
CA VAL B 15 31.75 29.64 -1.71
C VAL B 15 31.60 28.40 -2.57
N TRP B 16 32.70 28.01 -3.23
CA TRP B 16 32.62 26.93 -4.19
C TRP B 16 32.03 25.69 -3.55
N TYR B 17 32.75 25.06 -2.63
CA TYR B 17 32.29 23.75 -2.18
C TYR B 17 30.88 23.85 -1.60
N VAL B 18 30.71 24.71 -0.60
CA VAL B 18 29.49 24.67 0.19
C VAL B 18 28.29 25.01 -0.68
N PHE B 19 28.30 26.21 -1.24
CA PHE B 19 27.11 26.58 -2.01
C PHE B 19 27.03 25.85 -3.34
N ILE B 20 28.05 25.92 -4.16
CA ILE B 20 27.94 25.43 -5.52
C ILE B 20 27.84 23.91 -5.59
N VAL B 21 28.24 23.18 -4.54
CA VAL B 21 28.27 21.73 -4.59
C VAL B 21 27.31 21.11 -3.58
N GLN B 22 27.33 21.56 -2.33
CA GLN B 22 26.40 21.04 -1.34
C GLN B 22 25.01 21.65 -1.44
N LYS B 23 24.83 22.65 -2.29
CA LYS B 23 23.54 23.32 -2.43
C LYS B 23 23.03 23.82 -1.07
N SER B 24 23.93 24.41 -0.28
CA SER B 24 23.55 24.98 1.00
C SER B 24 22.62 26.17 0.86
N TYR B 25 22.49 26.71 -0.35
CA TYR B 25 21.68 27.89 -0.61
C TYR B 25 20.24 27.56 -0.97
N GLN B 26 19.88 26.28 -0.80
CA GLN B 26 18.52 25.85 -1.22
C GLN B 26 17.77 25.13 -0.10
N GLU B 27 16.49 25.44 0.09
CA GLU B 27 15.64 24.70 1.06
C GLU B 27 15.22 23.43 0.31
N SER B 28 15.29 22.25 0.92
CA SER B 28 15.04 20.97 0.22
C SER B 28 13.89 20.19 0.83
N GLU B 29 13.00 19.64 -0.01
CA GLU B 29 11.87 18.79 0.44
C GLU B 29 12.14 17.36 -0.04
N THR B 30 12.54 16.45 0.85
CA THR B 30 12.81 15.06 0.50
C THR B 30 11.54 14.25 0.71
N GLY B 31 11.01 13.70 -0.37
CA GLY B 31 9.81 12.90 -0.32
C GLY B 31 8.59 13.66 -0.80
N PRO B 32 8.21 13.43 -2.05
CA PRO B 32 7.00 14.08 -2.57
C PRO B 32 5.74 13.25 -2.35
N GLU B 33 4.63 13.76 -2.86
CA GLU B 33 3.40 13.00 -2.97
C GLU B 33 3.29 12.48 -4.38
N SER B 34 3.13 11.16 -4.53
CA SER B 34 3.10 10.52 -5.83
C SER B 34 1.82 9.72 -5.99
N SER B 35 1.29 9.70 -7.21
CA SER B 35 0.23 8.79 -7.61
C SER B 35 0.76 7.86 -8.69
N ILE B 36 0.54 6.56 -8.50
CA ILE B 36 0.96 5.55 -9.47
C ILE B 36 -0.29 4.84 -9.98
N ILE B 37 -0.55 4.92 -11.29
CA ILE B 37 -1.73 4.24 -11.92
C ILE B 37 -1.19 3.25 -12.97
N THR B 38 -1.06 1.97 -12.61
CA THR B 38 -0.47 0.94 -13.51
C THR B 38 -1.57 0.23 -14.32
N LYS B 39 -1.29 -0.13 -15.58
CA LYS B 39 -2.24 -0.90 -16.43
C LYS B 39 -1.47 -1.91 -17.27
N VAL B 40 -1.65 -3.21 -17.03
CA VAL B 40 -0.93 -4.28 -17.76
C VAL B 40 -1.77 -4.68 -18.98
N LYS B 41 -1.12 -4.94 -20.11
CA LYS B 41 -1.76 -5.44 -21.32
C LYS B 41 -0.98 -6.63 -21.84
N GLY B 42 -1.69 -7.53 -22.51
CA GLY B 42 -1.10 -8.76 -22.99
C GLY B 42 -1.94 -9.98 -22.67
N ILE B 43 -2.05 -10.89 -23.64
CA ILE B 43 -2.80 -12.12 -23.47
C ILE B 43 -1.85 -13.29 -23.72
N THR B 44 -2.01 -14.33 -22.92
CA THR B 44 -1.19 -15.53 -23.03
C THR B 44 -2.09 -16.75 -23.08
N THR B 45 -1.59 -17.83 -23.66
CA THR B 45 -2.38 -19.02 -23.92
C THR B 45 -1.75 -20.24 -23.26
N SER B 46 -2.59 -21.05 -22.64
CA SER B 46 -2.26 -22.39 -22.17
C SER B 46 -2.96 -23.41 -23.07
N GLU B 47 -2.89 -24.67 -22.69
CA GLU B 47 -3.55 -25.72 -23.46
C GLU B 47 -5.03 -25.39 -23.63
N HIS B 48 -5.44 -25.10 -24.86
CA HIS B 48 -6.81 -24.73 -25.20
C HIS B 48 -7.38 -23.75 -24.17
N LYS B 49 -6.67 -22.63 -24.02
CA LYS B 49 -7.07 -21.60 -23.06
C LYS B 49 -6.33 -20.31 -23.34
N VAL B 50 -7.05 -19.19 -23.36
CA VAL B 50 -6.47 -17.86 -23.54
C VAL B 50 -6.66 -17.10 -22.23
N TRP B 51 -5.55 -16.64 -21.66
CA TRP B 51 -5.56 -15.87 -20.43
C TRP B 51 -5.47 -14.39 -20.75
N ASP B 52 -6.27 -13.59 -20.06
CA ASP B 52 -6.28 -12.14 -20.22
C ASP B 52 -5.78 -11.47 -18.94
N VAL B 53 -5.74 -10.14 -18.98
CA VAL B 53 -5.17 -9.37 -17.88
C VAL B 53 -5.96 -9.60 -16.59
N GLU B 54 -7.29 -9.70 -16.70
CA GLU B 54 -8.10 -9.89 -15.51
C GLU B 54 -7.73 -11.16 -14.76
N GLU B 55 -7.27 -12.18 -15.48
CA GLU B 55 -6.96 -13.47 -14.86
C GLU B 55 -5.60 -13.46 -14.17
N TYR B 56 -4.56 -12.89 -14.80
CA TYR B 56 -3.18 -12.98 -14.22
C TYR B 56 -2.86 -11.76 -13.35
N VAL B 57 -3.39 -10.57 -13.63
CA VAL B 57 -3.04 -9.34 -12.85
C VAL B 57 -3.88 -9.31 -11.57
N LYS B 58 -3.26 -9.57 -10.41
CA LYS B 58 -3.95 -9.59 -9.10
C LYS B 58 -3.07 -8.88 -8.07
N PRO B 59 -3.48 -7.74 -7.44
CA PRO B 59 -4.83 -7.19 -7.57
C PRO B 59 -5.09 -6.44 -8.89
N PRO B 60 -6.36 -6.17 -9.27
CA PRO B 60 -6.68 -5.53 -10.55
C PRO B 60 -6.97 -4.03 -10.53
N GLU B 61 -6.88 -3.36 -9.38
CA GLU B 61 -7.24 -1.95 -9.26
C GLU B 61 -6.23 -1.01 -9.90
N GLY B 62 -5.07 -1.51 -10.32
CA GLY B 62 -4.10 -0.68 -11.03
C GLY B 62 -3.34 0.25 -10.11
N GLY B 63 -2.62 -0.31 -9.14
CA GLY B 63 -1.87 0.48 -8.20
C GLY B 63 -0.37 0.27 -8.26
N SER B 64 0.34 0.67 -7.21
CA SER B 64 1.79 0.63 -7.23
C SER B 64 2.33 -0.78 -7.12
N VAL B 65 1.59 -1.68 -6.47
CA VAL B 65 2.03 -3.06 -6.26
C VAL B 65 0.99 -3.99 -6.88
N PHE B 66 1.46 -4.90 -7.73
CA PHE B 66 0.59 -5.87 -8.37
C PHE B 66 1.44 -7.07 -8.78
N SER B 67 0.78 -8.20 -8.99
CA SER B 67 1.43 -9.45 -9.34
C SER B 67 0.93 -9.94 -10.68
N ILE B 68 1.86 -10.37 -11.53
CA ILE B 68 1.56 -10.97 -12.83
C ILE B 68 1.79 -12.46 -12.70
N ILE B 69 0.71 -13.24 -12.82
CA ILE B 69 0.77 -14.68 -12.60
C ILE B 69 1.39 -15.34 -13.83
N THR B 70 2.46 -16.11 -13.61
CA THR B 70 3.15 -16.82 -14.68
C THR B 70 2.93 -18.33 -14.64
N ARG B 71 2.51 -18.87 -13.50
CA ARG B 71 2.29 -20.30 -13.35
C ARG B 71 1.27 -20.52 -12.24
N VAL B 72 0.36 -21.46 -12.45
CA VAL B 72 -0.69 -21.76 -11.49
C VAL B 72 -0.76 -23.26 -11.26
N GLU B 73 -1.02 -23.63 -10.00
CA GLU B 73 -1.36 -24.99 -9.62
C GLU B 73 -2.80 -24.94 -9.10
N ALA B 74 -3.74 -25.37 -9.94
CA ALA B 74 -5.16 -25.19 -9.69
C ALA B 74 -5.79 -26.53 -9.29
N THR B 75 -6.60 -26.50 -8.25
CA THR B 75 -7.38 -27.65 -7.81
C THR B 75 -8.86 -27.31 -7.98
N HIS B 76 -9.56 -28.12 -8.78
CA HIS B 76 -10.93 -27.83 -9.15
C HIS B 76 -11.90 -28.71 -8.37
N SER B 77 -13.14 -28.23 -8.27
CA SER B 77 -14.23 -28.98 -7.66
C SER B 77 -13.95 -29.27 -6.19
N GLN B 78 -13.49 -28.26 -5.47
CA GLN B 78 -13.26 -28.39 -4.04
C GLN B 78 -14.55 -28.11 -3.27
N THR B 79 -14.90 -29.01 -2.35
CA THR B 79 -16.07 -28.86 -1.51
C THR B 79 -15.76 -29.39 -0.12
N GLN B 80 -16.48 -28.86 0.87
CA GLN B 80 -16.36 -29.37 2.23
C GLN B 80 -16.73 -30.85 2.25
N GLY B 81 -15.82 -31.68 2.75
CA GLY B 81 -16.05 -33.11 2.78
C GLY B 81 -14.83 -33.83 3.28
N THR B 82 -14.94 -35.16 3.25
CA THR B 82 -13.88 -36.03 3.74
C THR B 82 -13.03 -36.53 2.57
N CYS B 83 -11.72 -36.49 2.76
CA CYS B 83 -10.77 -36.93 1.74
C CYS B 83 -9.46 -37.27 2.42
N PRO B 84 -8.61 -38.07 1.78
CA PRO B 84 -7.30 -38.36 2.37
C PRO B 84 -6.47 -37.10 2.54
N GLU B 85 -5.72 -37.05 3.64
CA GLU B 85 -4.86 -35.91 3.92
C GLU B 85 -3.59 -35.98 3.06
N SER B 86 -3.03 -34.81 2.79
CA SER B 86 -1.79 -34.74 2.02
C SER B 86 -0.70 -35.55 2.71
N ILE B 87 0.02 -36.35 1.91
CA ILE B 87 1.09 -37.18 2.45
C ILE B 87 2.22 -36.34 3.02
N ARG B 88 2.31 -35.07 2.64
CA ARG B 88 3.36 -34.19 3.14
C ARG B 88 3.08 -33.67 4.54
N VAL B 89 1.86 -33.83 5.05
CA VAL B 89 1.52 -33.35 6.37
C VAL B 89 2.02 -34.35 7.41
N HIS B 90 2.54 -33.86 8.54
CA HIS B 90 3.15 -34.75 9.56
C HIS B 90 2.13 -35.70 10.18
N ASN B 91 2.49 -36.97 10.32
CA ASN B 91 1.61 -37.99 10.95
C ASN B 91 0.45 -38.34 10.00
N ALA B 92 0.50 -37.84 8.77
CA ALA B 92 -0.55 -38.19 7.78
C ALA B 92 -0.54 -39.69 7.52
N THR B 93 0.57 -40.25 7.02
CA THR B 93 0.60 -41.65 6.62
C THR B 93 0.14 -42.55 7.77
N CYS B 94 -0.68 -43.54 7.41
CA CYS B 94 -1.23 -44.47 8.38
C CYS B 94 -1.31 -45.86 7.79
N LEU B 95 -1.31 -46.86 8.68
CA LEU B 95 -1.40 -48.26 8.30
C LEU B 95 -2.70 -48.92 8.74
N SER B 96 -3.40 -48.33 9.71
CA SER B 96 -4.70 -48.81 10.15
C SER B 96 -5.44 -47.65 10.79
N ASP B 97 -6.72 -47.88 11.06
CA ASP B 97 -7.53 -46.81 11.63
C ASP B 97 -7.01 -46.40 13.01
N ALA B 98 -6.37 -47.32 13.73
CA ALA B 98 -5.86 -47.00 15.06
C ALA B 98 -4.72 -45.98 15.01
N ASP B 99 -4.10 -45.78 13.85
CA ASP B 99 -2.98 -44.86 13.73
C ASP B 99 -3.41 -43.40 13.57
N CYS B 100 -4.71 -43.15 13.43
CA CYS B 100 -5.23 -41.80 13.29
C CYS B 100 -6.30 -41.57 14.36
N VAL B 101 -6.18 -40.47 15.09
CA VAL B 101 -7.11 -40.12 16.15
C VAL B 101 -8.02 -39.00 15.67
N ALA B 102 -9.28 -39.04 16.09
CA ALA B 102 -10.28 -38.10 15.62
C ALA B 102 -10.16 -36.76 16.36
N GLY B 103 -10.28 -35.67 15.60
CA GLY B 103 -10.38 -34.34 16.16
C GLY B 103 -9.15 -33.49 16.07
N GLU B 104 -7.98 -34.08 15.75
CA GLU B 104 -6.78 -33.27 15.63
C GLU B 104 -6.90 -32.33 14.42
N LEU B 105 -6.46 -31.09 14.61
CA LEU B 105 -6.51 -30.06 13.58
C LEU B 105 -5.12 -29.43 13.49
N ASP B 106 -4.27 -30.00 12.65
CA ASP B 106 -2.94 -29.41 12.42
C ASP B 106 -3.09 -28.08 11.70
N MET B 107 -2.38 -27.06 12.19
CA MET B 107 -2.41 -25.77 11.52
C MET B 107 -1.82 -25.85 10.13
N LEU B 108 -0.84 -26.73 9.93
CA LEU B 108 -0.23 -26.95 8.63
C LEU B 108 -0.93 -28.04 7.84
N GLY B 109 -2.00 -28.62 8.38
CA GLY B 109 -2.79 -29.60 7.67
C GLY B 109 -3.86 -28.96 6.81
N ASN B 110 -4.76 -29.81 6.29
CA ASN B 110 -5.80 -29.38 5.37
C ASN B 110 -7.20 -29.69 5.88
N GLY B 111 -7.36 -29.98 7.16
CA GLY B 111 -8.67 -30.22 7.71
C GLY B 111 -8.60 -30.97 9.03
N LEU B 112 -9.79 -31.37 9.49
CA LEU B 112 -9.97 -32.00 10.79
C LEU B 112 -9.98 -33.51 10.61
N ARG B 113 -9.09 -34.19 11.32
CA ARG B 113 -8.99 -35.64 11.19
C ARG B 113 -10.28 -36.31 11.63
N THR B 114 -10.74 -37.30 10.82
CA THR B 114 -11.98 -38.02 11.06
C THR B 114 -11.78 -39.26 11.92
N GLY B 115 -10.54 -39.63 12.20
CA GLY B 115 -10.25 -40.84 12.93
C GLY B 115 -10.06 -42.07 12.08
N ARG B 116 -10.24 -41.94 10.77
CA ARG B 116 -10.13 -43.07 9.85
C ARG B 116 -8.83 -43.00 9.07
N CYS B 117 -8.59 -44.02 8.25
CA CYS B 117 -7.41 -44.13 7.41
C CYS B 117 -7.88 -44.60 6.04
N VAL B 118 -7.69 -43.78 5.02
CA VAL B 118 -8.23 -44.07 3.70
C VAL B 118 -7.12 -44.13 2.66
N PRO B 119 -7.32 -44.84 1.56
CA PRO B 119 -6.31 -44.88 0.51
C PRO B 119 -6.02 -43.50 -0.04
N TYR B 120 -4.75 -43.27 -0.35
CA TYR B 120 -4.33 -42.00 -0.91
C TYR B 120 -4.80 -41.87 -2.35
N TYR B 121 -4.71 -40.63 -2.89
CA TYR B 121 -5.09 -40.39 -4.26
C TYR B 121 -4.26 -41.24 -5.21
N GLN B 122 -2.96 -41.33 -4.97
CA GLN B 122 -2.05 -42.18 -5.73
C GLN B 122 -1.55 -43.28 -4.80
N GLY B 123 -1.97 -44.51 -5.07
CA GLY B 123 -1.60 -45.64 -4.24
C GLY B 123 -0.11 -45.89 -4.27
N PRO B 124 0.34 -46.91 -3.53
CA PRO B 124 -0.44 -47.80 -2.65
C PRO B 124 -0.56 -47.30 -1.21
N SER B 125 -0.07 -46.09 -0.95
CA SER B 125 -0.01 -45.58 0.41
C SER B 125 -1.42 -45.23 0.92
N LYS B 126 -1.49 -45.03 2.24
CA LYS B 126 -2.72 -44.64 2.91
C LYS B 126 -2.42 -43.47 3.83
N THR B 127 -3.39 -42.56 3.96
CA THR B 127 -3.23 -41.37 4.77
C THR B 127 -4.47 -41.13 5.62
N CYS B 128 -4.28 -40.47 6.76
CA CYS B 128 -5.38 -40.19 7.66
C CYS B 128 -6.44 -39.35 6.96
N GLU B 129 -7.71 -39.70 7.17
CA GLU B 129 -8.81 -38.96 6.57
C GLU B 129 -9.07 -37.67 7.34
N VAL B 130 -9.36 -36.60 6.60
CA VAL B 130 -9.68 -35.30 7.20
C VAL B 130 -10.96 -34.77 6.56
N PHE B 131 -11.60 -33.85 7.29
CA PHE B 131 -12.73 -33.10 6.77
C PHE B 131 -12.30 -31.69 6.46
N GLY B 132 -12.64 -31.22 5.27
CA GLY B 132 -12.28 -29.88 4.86
C GLY B 132 -12.52 -29.68 3.38
N TRP B 133 -11.87 -28.66 2.83
CA TRP B 133 -11.92 -28.41 1.40
C TRP B 133 -11.22 -29.55 0.67
N CYS B 134 -11.98 -30.36 -0.05
CA CYS B 134 -11.46 -31.57 -0.66
C CYS B 134 -11.83 -31.62 -2.13
N PRO B 135 -10.98 -32.22 -2.98
CA PRO B 135 -9.70 -32.86 -2.62
C PRO B 135 -8.58 -31.86 -2.34
N VAL B 136 -7.56 -32.31 -1.61
CA VAL B 136 -6.47 -31.42 -1.22
C VAL B 136 -5.60 -31.12 -2.43
N GLU B 137 -4.91 -29.96 -2.39
CA GLU B 137 -4.14 -29.51 -3.54
C GLU B 137 -3.00 -30.46 -3.86
N ASP B 138 -2.33 -30.97 -2.85
CA ASP B 138 -1.17 -31.85 -3.05
C ASP B 138 -1.55 -33.20 -3.63
N GLY B 139 -2.80 -33.47 -3.96
CA GLY B 139 -3.19 -34.73 -4.54
C GLY B 139 -4.13 -34.60 -5.72
N ALA B 140 -4.54 -33.37 -6.04
CA ALA B 140 -5.48 -33.15 -7.14
C ALA B 140 -5.13 -31.92 -7.98
N SER B 141 -3.98 -31.30 -7.77
CA SER B 141 -3.64 -30.09 -8.51
C SER B 141 -3.06 -30.41 -9.88
N VAL B 142 -3.29 -29.50 -10.82
CA VAL B 142 -2.72 -29.56 -12.17
C VAL B 142 -2.01 -28.24 -12.43
N SER B 143 -0.81 -28.32 -12.98
CA SER B 143 0.02 -27.14 -13.19
C SER B 143 -0.11 -26.62 -14.61
N GLN B 144 -0.19 -25.30 -14.74
CA GLN B 144 -0.23 -24.62 -16.03
C GLN B 144 0.85 -23.55 -16.06
N PHE B 145 1.52 -23.43 -17.20
CA PHE B 145 2.45 -22.33 -17.43
C PHE B 145 1.78 -21.33 -18.37
N LEU B 146 1.68 -20.06 -17.91
CA LEU B 146 1.02 -18.98 -18.67
C LEU B 146 1.99 -17.80 -18.78
N GLY B 147 3.31 -18.05 -18.70
CA GLY B 147 4.30 -17.00 -18.81
C GLY B 147 5.10 -17.08 -20.09
N THR B 148 4.62 -17.90 -21.04
CA THR B 148 5.31 -18.04 -22.31
C THR B 148 5.41 -16.71 -23.05
N MET B 149 4.36 -15.88 -22.91
CA MET B 149 4.26 -14.57 -23.60
C MET B 149 4.28 -13.43 -22.58
N ALA B 150 4.53 -13.69 -21.29
CA ALA B 150 4.69 -12.63 -20.30
C ALA B 150 5.83 -11.67 -20.61
N PRO B 151 6.99 -12.09 -21.14
CA PRO B 151 8.01 -11.08 -21.47
C PRO B 151 7.51 -10.06 -22.47
N ASN B 152 6.54 -10.41 -23.29
CA ASN B 152 5.97 -9.52 -24.31
C ASN B 152 4.84 -8.69 -23.69
N PHE B 153 4.40 -8.97 -22.47
CA PHE B 153 3.38 -8.15 -21.78
C PHE B 153 3.94 -6.73 -21.65
N THR B 154 3.10 -5.73 -21.46
CA THR B 154 3.52 -4.32 -21.30
C THR B 154 2.92 -3.79 -20.00
N ILE B 155 3.53 -2.77 -19.39
CA ILE B 155 3.04 -2.20 -18.10
C ILE B 155 3.12 -0.68 -18.21
N LEU B 156 1.99 0.01 -18.38
CA LEU B 156 1.96 1.46 -18.41
C LEU B 156 1.91 1.98 -16.97
N ILE B 157 2.92 2.73 -16.56
CA ILE B 157 3.00 3.30 -15.22
C ILE B 157 2.82 4.81 -15.36
N LYS B 158 1.73 5.33 -14.82
CA LYS B 158 1.46 6.76 -14.81
C LYS B 158 1.81 7.31 -13.43
N ASN B 159 2.80 8.20 -13.38
CA ASN B 159 3.29 8.76 -12.13
C ASN B 159 3.19 10.28 -12.16
N SER B 160 2.72 10.86 -11.07
CA SER B 160 2.60 12.31 -10.94
C SER B 160 2.99 12.67 -9.50
N ILE B 161 4.10 13.39 -9.36
CA ILE B 161 4.61 13.79 -8.06
C ILE B 161 4.17 15.22 -7.77
N HIS B 162 4.28 15.59 -6.49
CA HIS B 162 3.96 16.93 -6.04
C HIS B 162 4.87 17.32 -4.90
N TYR B 163 5.29 18.59 -4.88
CA TYR B 163 6.09 19.13 -3.79
C TYR B 163 5.23 20.22 -3.17
N PRO B 164 4.61 19.97 -2.02
CA PRO B 164 3.68 20.97 -1.45
C PRO B 164 4.42 22.23 -1.02
N LYS B 165 5.63 22.08 -0.50
CA LYS B 165 6.41 23.26 -0.12
C LYS B 165 6.62 24.18 -1.30
N PHE B 166 6.94 23.60 -2.46
CA PHE B 166 7.26 24.36 -3.66
C PHE B 166 6.09 24.45 -4.63
N HIS B 167 4.96 23.81 -4.33
CA HIS B 167 3.79 23.84 -5.19
C HIS B 167 4.13 23.43 -6.61
N PHE B 168 4.99 22.42 -6.73
CA PHE B 168 5.45 21.92 -8.02
C PHE B 168 4.84 20.55 -8.28
N SER B 169 4.33 20.35 -9.49
CA SER B 169 3.76 19.07 -9.89
C SER B 169 4.24 18.76 -11.31
N LYS B 170 4.68 17.52 -11.51
CA LYS B 170 5.09 17.06 -12.83
C LYS B 170 4.77 15.58 -12.97
N GLY B 171 4.33 15.20 -14.17
CA GLY B 171 4.06 13.82 -14.50
C GLY B 171 5.08 13.26 -15.48
N ASN B 172 4.96 11.95 -15.72
CA ASN B 172 5.86 11.22 -16.59
C ASN B 172 5.30 10.98 -17.98
N ILE B 173 4.21 11.65 -18.33
CA ILE B 173 3.63 11.59 -19.67
C ILE B 173 3.42 13.02 -20.16
N ALA B 174 3.86 13.29 -21.38
CA ALA B 174 3.80 14.64 -21.94
C ALA B 174 2.44 14.90 -22.59
N ASP B 175 2.11 16.18 -22.68
CA ASP B 175 0.86 16.62 -23.30
C ASP B 175 1.06 16.70 -24.80
N ARG B 176 0.74 15.61 -25.49
CA ARG B 176 0.90 15.51 -26.94
C ARG B 176 -0.42 15.09 -27.56
N THR B 177 -0.84 15.80 -28.60
CA THR B 177 -2.08 15.47 -29.29
C THR B 177 -1.94 14.24 -30.18
N ASP B 178 -0.72 13.90 -30.60
CA ASP B 178 -0.51 12.74 -31.44
C ASP B 178 -0.65 11.46 -30.63
N GLY B 179 -0.83 10.34 -31.34
CA GLY B 179 -0.95 9.04 -30.71
C GLY B 179 0.38 8.47 -30.29
N TYR B 180 1.17 9.27 -29.58
CA TYR B 180 2.51 8.83 -29.17
C TYR B 180 2.42 7.64 -28.23
N LEU B 181 1.57 7.71 -27.21
CA LEU B 181 1.47 6.66 -26.22
C LEU B 181 0.93 5.36 -26.81
N LYS B 182 0.37 5.39 -28.01
CA LYS B 182 -0.13 4.20 -28.68
C LYS B 182 0.90 3.55 -29.59
N ARG B 183 2.04 4.20 -29.83
CA ARG B 183 3.03 3.70 -30.78
C ARG B 183 4.46 3.85 -30.27
N CYS B 184 4.64 4.05 -28.97
CA CYS B 184 5.94 4.38 -28.40
C CYS B 184 6.48 3.22 -27.58
N THR B 185 7.80 3.19 -27.45
CA THR B 185 8.51 2.22 -26.62
C THR B 185 9.47 2.98 -25.72
N PHE B 186 9.44 2.67 -24.43
CA PHE B 186 10.27 3.39 -23.48
C PHE B 186 11.74 3.31 -23.86
N HIS B 187 12.43 4.44 -23.75
CA HIS B 187 13.87 4.51 -23.88
C HIS B 187 14.39 5.54 -22.89
N GLU B 188 15.53 5.23 -22.27
CA GLU B 188 16.08 6.10 -21.25
C GLU B 188 16.29 7.52 -21.75
N ALA B 189 16.54 7.70 -23.05
CA ALA B 189 16.83 9.00 -23.62
C ALA B 189 15.76 9.46 -24.61
N SER B 190 15.48 8.67 -25.65
CA SER B 190 14.62 9.14 -26.72
C SER B 190 13.15 9.15 -26.32
N ASP B 191 12.73 8.20 -25.48
CA ASP B 191 11.33 8.04 -25.11
C ASP B 191 11.19 7.95 -23.61
N LEU B 192 11.83 8.88 -22.89
CA LEU B 192 11.75 8.88 -21.44
C LEU B 192 10.32 9.11 -20.96
N TYR B 193 9.51 9.82 -21.74
CA TYR B 193 8.14 10.12 -21.38
C TYR B 193 7.14 9.21 -22.09
N CYS B 194 7.54 7.95 -22.32
CA CYS B 194 6.64 6.88 -22.77
C CYS B 194 6.77 5.77 -21.72
N PRO B 195 6.07 5.90 -20.59
CA PRO B 195 6.25 4.97 -19.47
C PRO B 195 5.53 3.64 -19.66
N ILE B 196 5.72 3.03 -20.82
CA ILE B 196 5.19 1.71 -21.14
C ILE B 196 6.38 0.78 -21.25
N PHE B 197 6.48 -0.18 -20.34
CA PHE B 197 7.62 -1.05 -20.22
C PHE B 197 7.23 -2.49 -20.51
N LYS B 198 8.02 -3.15 -21.34
CA LYS B 198 7.89 -4.59 -21.50
C LYS B 198 8.35 -5.30 -20.24
N LEU B 199 7.64 -6.37 -19.87
CA LEU B 199 8.04 -7.15 -18.70
C LEU B 199 9.41 -7.78 -18.90
N GLY B 200 9.69 -8.27 -20.11
CA GLY B 200 11.02 -8.78 -20.39
C GLY B 200 12.09 -7.72 -20.26
N PHE B 201 11.80 -6.50 -20.71
CA PHE B 201 12.74 -5.40 -20.55
C PHE B 201 13.03 -5.13 -19.07
N ILE B 202 11.97 -5.09 -18.25
CA ILE B 202 12.15 -4.86 -16.82
C ILE B 202 12.98 -5.97 -16.21
N VAL B 203 12.69 -7.22 -16.59
CA VAL B 203 13.41 -8.35 -16.00
C VAL B 203 14.88 -8.32 -16.40
N GLU B 204 15.17 -8.02 -17.67
CA GLU B 204 16.56 -7.94 -18.11
C GLU B 204 17.30 -6.82 -17.40
N LYS B 205 16.70 -5.63 -17.34
CA LYS B 205 17.36 -4.50 -16.68
C LYS B 205 17.60 -4.79 -15.20
N ALA B 206 16.85 -5.70 -14.60
CA ALA B 206 17.09 -6.15 -13.25
C ALA B 206 18.14 -7.25 -13.17
N GLY B 207 18.66 -7.69 -14.31
CA GLY B 207 19.66 -8.75 -14.32
C GLY B 207 19.14 -10.09 -13.84
N GLU B 208 17.96 -10.49 -14.28
CA GLU B 208 17.35 -11.75 -13.90
C GLU B 208 17.02 -12.55 -15.15
N SER B 209 16.73 -13.85 -14.96
CA SER B 209 16.27 -14.74 -16.07
C SER B 209 14.74 -14.78 -16.00
N PHE B 210 14.06 -14.81 -17.14
CA PHE B 210 12.57 -14.84 -17.20
C PHE B 210 12.09 -16.28 -16.97
N THR B 211 12.93 -17.27 -17.29
CA THR B 211 12.60 -18.69 -17.05
C THR B 211 12.56 -18.90 -15.53
N GLU B 212 13.64 -18.54 -14.84
CA GLU B 212 13.74 -18.69 -13.37
C GLU B 212 12.60 -17.91 -12.70
N LEU B 213 12.40 -16.64 -13.04
CA LEU B 213 11.40 -15.78 -12.35
C LEU B 213 9.98 -16.15 -12.78
N ALA B 214 9.80 -16.89 -13.89
CA ALA B 214 8.47 -17.34 -14.35
C ALA B 214 8.13 -18.67 -13.67
N HIS B 215 9.15 -19.43 -13.28
CA HIS B 215 8.92 -20.74 -12.61
C HIS B 215 8.70 -20.50 -11.11
N LYS B 216 9.67 -19.91 -10.41
CA LYS B 216 9.57 -19.73 -8.95
C LYS B 216 8.77 -18.50 -8.57
N GLY B 217 8.86 -17.43 -9.34
CA GLY B 217 8.30 -16.15 -8.95
C GLY B 217 9.32 -15.25 -8.28
N GLY B 218 8.90 -14.02 -8.02
CA GLY B 218 9.77 -13.07 -7.36
C GLY B 218 9.18 -11.69 -7.40
N VAL B 219 10.00 -10.73 -6.97
CA VAL B 219 9.59 -9.34 -6.84
C VAL B 219 10.62 -8.46 -7.53
N ILE B 220 10.18 -7.65 -8.49
CA ILE B 220 11.02 -6.70 -9.18
C ILE B 220 10.51 -5.30 -8.86
N GLY B 221 11.42 -4.42 -8.47
CA GLY B 221 11.06 -3.04 -8.17
C GLY B 221 11.31 -2.13 -9.36
N VAL B 222 10.31 -1.31 -9.66
CA VAL B 222 10.44 -0.24 -10.66
C VAL B 222 10.58 1.05 -9.87
N ILE B 223 11.81 1.54 -9.76
CA ILE B 223 12.11 2.70 -8.94
C ILE B 223 12.17 3.93 -9.82
N ILE B 224 11.39 4.94 -9.48
CA ILE B 224 11.36 6.22 -10.19
C ILE B 224 11.92 7.28 -9.27
N ASN B 225 12.99 7.94 -9.70
CA ASN B 225 13.65 8.97 -8.92
C ASN B 225 13.41 10.32 -9.59
N TRP B 226 12.84 11.26 -8.84
CA TRP B 226 12.65 12.64 -9.27
C TRP B 226 13.61 13.49 -8.46
N ASP B 227 14.84 13.67 -8.96
CA ASP B 227 15.83 14.57 -8.33
C ASP B 227 15.67 15.92 -9.05
N CYS B 228 14.80 16.79 -8.58
CA CYS B 228 14.45 18.06 -9.25
C CYS B 228 15.19 19.28 -8.68
N ASP B 229 15.71 20.15 -9.54
CA ASP B 229 16.33 21.44 -9.10
C ASP B 229 15.35 22.50 -9.57
N LEU B 230 14.48 23.01 -8.70
CA LEU B 230 13.40 23.90 -9.07
C LEU B 230 13.87 25.31 -9.39
N ASP B 231 15.15 25.62 -9.16
CA ASP B 231 15.70 26.88 -9.63
C ASP B 231 15.89 26.89 -11.14
N LEU B 232 15.72 25.75 -11.81
CA LEU B 232 15.83 25.60 -13.24
C LEU B 232 14.45 25.37 -13.85
N PRO B 233 14.35 25.40 -15.19
CA PRO B 233 13.06 25.16 -15.82
C PRO B 233 12.51 23.78 -15.50
N ALA B 234 11.18 23.69 -15.47
CA ALA B 234 10.53 22.41 -15.18
C ALA B 234 10.91 21.34 -16.19
N SER B 235 11.34 21.73 -17.40
CA SER B 235 11.79 20.75 -18.37
C SER B 235 13.01 19.99 -17.87
N GLU B 236 13.68 20.48 -16.83
CA GLU B 236 14.91 19.84 -16.27
C GLU B 236 14.55 18.72 -15.28
N CYS B 237 13.43 18.82 -14.54
CA CYS B 237 13.03 17.81 -13.51
C CYS B 237 12.36 16.63 -14.23
N ASN B 238 13.12 15.62 -14.64
CA ASN B 238 12.61 14.44 -15.39
C ASN B 238 12.69 13.19 -14.50
N PRO B 239 11.98 12.09 -14.82
CA PRO B 239 12.09 10.85 -14.05
C PRO B 239 13.33 10.05 -14.42
N LYS B 240 13.83 9.29 -13.45
CA LYS B 240 14.93 8.36 -13.64
C LYS B 240 14.44 6.98 -13.22
N TYR B 241 14.47 6.04 -14.15
CA TYR B 241 13.90 4.71 -13.94
C TYR B 241 15.01 3.71 -13.65
N SER B 242 14.82 2.94 -12.58
CA SER B 242 15.74 1.89 -12.17
C SER B 242 14.96 0.62 -11.94
N PHE B 243 15.52 -0.51 -12.40
CA PHE B 243 14.88 -1.80 -12.29
C PHE B 243 15.82 -2.77 -11.58
N ARG B 244 15.34 -3.35 -10.49
CA ARG B 244 16.16 -4.27 -9.71
C ARG B 244 15.26 -5.19 -8.90
N ARG B 245 15.70 -6.43 -8.74
CA ARG B 245 14.96 -7.40 -7.94
C ARG B 245 15.05 -7.06 -6.47
N LEU B 246 13.91 -7.14 -5.78
CA LEU B 246 13.84 -6.77 -4.37
C LEU B 246 13.87 -7.97 -3.44
N ASP B 247 13.55 -9.16 -3.93
CA ASP B 247 13.57 -10.36 -3.11
C ASP B 247 14.87 -11.13 -3.32
N PRO B 248 15.30 -11.93 -2.34
CA PRO B 248 16.56 -12.66 -2.49
C PRO B 248 16.50 -13.68 -3.62
N LYS B 249 17.66 -13.90 -4.23
CA LYS B 249 17.83 -14.93 -5.24
C LYS B 249 18.84 -16.01 -4.85
N HIS B 250 19.76 -15.71 -3.93
CA HIS B 250 20.74 -16.68 -3.48
C HIS B 250 20.27 -17.50 -2.29
N VAL B 251 19.12 -17.17 -1.71
CA VAL B 251 18.61 -17.83 -0.52
C VAL B 251 17.47 -18.76 -0.97
N PRO B 252 17.67 -20.08 -0.98
CA PRO B 252 16.60 -20.97 -1.46
C PRO B 252 15.33 -20.89 -0.64
N ALA B 253 15.44 -20.63 0.66
CA ALA B 253 14.24 -20.64 1.50
C ALA B 253 13.38 -19.40 1.28
N SER B 254 14.01 -18.23 1.12
CA SER B 254 13.30 -16.97 0.96
C SER B 254 13.15 -16.55 -0.49
N SER B 255 13.58 -17.38 -1.44
CA SER B 255 13.51 -17.03 -2.85
C SER B 255 12.20 -17.51 -3.45
N GLY B 256 11.57 -16.63 -4.23
CA GLY B 256 10.31 -16.93 -4.88
C GLY B 256 9.21 -16.01 -4.39
N TYR B 257 8.04 -16.12 -5.02
CA TYR B 257 6.86 -15.32 -4.64
C TYR B 257 5.62 -16.04 -5.17
N ASN B 258 4.75 -16.51 -4.28
CA ASN B 258 3.54 -17.26 -4.68
C ASN B 258 2.39 -16.90 -3.74
N PHE B 259 1.15 -17.10 -4.16
CA PHE B 259 -0.01 -16.88 -3.30
C PHE B 259 -1.14 -17.78 -3.79
N ARG B 260 -2.11 -17.99 -2.91
CA ARG B 260 -3.26 -18.83 -3.21
C ARG B 260 -4.52 -17.98 -3.19
N PHE B 261 -5.34 -18.14 -4.21
CA PHE B 261 -6.67 -17.55 -4.25
C PHE B 261 -7.62 -18.56 -4.89
N ALA B 262 -8.91 -18.36 -4.66
CA ALA B 262 -9.91 -19.32 -5.08
C ALA B 262 -11.05 -18.62 -5.79
N LYS B 263 -11.72 -19.35 -6.67
CA LYS B 263 -12.94 -18.92 -7.34
C LYS B 263 -14.07 -19.80 -6.82
N TYR B 264 -15.12 -19.17 -6.29
CA TYR B 264 -16.20 -19.88 -5.62
C TYR B 264 -17.42 -19.95 -6.52
N TYR B 265 -18.01 -21.14 -6.58
CA TYR B 265 -19.20 -21.40 -7.38
C TYR B 265 -20.25 -22.07 -6.50
N LYS B 266 -21.40 -22.35 -7.10
CA LYS B 266 -22.48 -23.05 -6.43
C LYS B 266 -23.14 -23.98 -7.43
N ILE B 267 -22.85 -25.27 -7.31
CA ILE B 267 -23.33 -26.29 -8.21
C ILE B 267 -24.33 -27.16 -7.46
N ASN B 268 -25.59 -27.11 -7.87
CA ASN B 268 -26.66 -27.86 -7.22
C ASN B 268 -26.83 -27.42 -5.77
N GLY B 269 -26.61 -26.13 -5.51
CA GLY B 269 -26.77 -25.58 -4.19
C GLY B 269 -25.62 -25.78 -3.25
N THR B 270 -24.55 -26.43 -3.68
CA THR B 270 -23.39 -26.71 -2.85
C THR B 270 -22.26 -25.77 -3.24
N THR B 271 -21.65 -25.14 -2.26
CA THR B 271 -20.58 -24.18 -2.52
C THR B 271 -19.30 -24.92 -2.90
N THR B 272 -18.93 -24.85 -4.17
CA THR B 272 -17.72 -25.44 -4.68
C THR B 272 -16.75 -24.33 -5.07
N ARG B 273 -15.45 -24.63 -5.03
CA ARG B 273 -14.44 -23.64 -5.36
C ARG B 273 -13.34 -24.26 -6.20
N THR B 274 -12.61 -23.40 -6.90
CA THR B 274 -11.38 -23.74 -7.57
C THR B 274 -10.25 -23.03 -6.84
N LEU B 275 -9.37 -23.80 -6.22
CA LEU B 275 -8.21 -23.23 -5.54
C LEU B 275 -7.04 -23.12 -6.51
N ILE B 276 -6.42 -21.95 -6.55
CA ILE B 276 -5.32 -21.67 -7.47
C ILE B 276 -4.13 -21.18 -6.66
N LYS B 277 -3.02 -21.90 -6.76
CA LYS B 277 -1.73 -21.44 -6.26
C LYS B 277 -1.00 -20.78 -7.42
N ALA B 278 -0.69 -19.50 -7.27
CA ALA B 278 -0.16 -18.68 -8.35
C ALA B 278 1.29 -18.33 -8.07
N TYR B 279 2.17 -18.72 -8.96
CA TYR B 279 3.56 -18.26 -8.97
C TYR B 279 3.67 -17.16 -10.01
N GLY B 280 4.10 -15.98 -9.59
CA GLY B 280 4.12 -14.86 -10.50
C GLY B 280 5.16 -13.85 -10.10
N ILE B 281 5.26 -12.81 -10.91
CA ILE B 281 6.21 -11.74 -10.71
C ILE B 281 5.46 -10.56 -10.11
N ARG B 282 5.84 -10.16 -8.92
CA ARG B 282 5.27 -8.99 -8.29
C ARG B 282 6.06 -7.76 -8.73
N ILE B 283 5.35 -6.79 -9.30
CA ILE B 283 5.94 -5.54 -9.74
C ILE B 283 5.63 -4.49 -8.69
N ASP B 284 6.68 -3.89 -8.13
CA ASP B 284 6.57 -2.85 -7.12
C ASP B 284 7.12 -1.56 -7.69
N VAL B 285 6.29 -0.53 -7.75
CA VAL B 285 6.69 0.76 -8.30
C VAL B 285 7.03 1.66 -7.12
N ILE B 286 8.31 1.96 -6.97
CA ILE B 286 8.83 2.75 -5.86
C ILE B 286 9.23 4.10 -6.42
N VAL B 287 8.72 5.18 -5.83
CA VAL B 287 8.95 6.53 -6.31
C VAL B 287 9.71 7.31 -5.25
N HIS B 288 10.91 7.77 -5.61
CA HIS B 288 11.73 8.60 -4.75
C HIS B 288 11.82 9.99 -5.38
N GLY B 289 11.82 11.01 -4.54
CA GLY B 289 11.90 12.37 -5.03
C GLY B 289 12.56 13.33 -4.07
N GLN B 290 13.50 14.11 -4.58
CA GLN B 290 14.14 15.17 -3.81
C GLN B 290 14.18 16.43 -4.66
N ALA B 291 13.70 17.52 -4.08
CA ALA B 291 13.61 18.80 -4.78
C ALA B 291 14.21 19.89 -3.92
N GLY B 292 14.84 20.85 -4.58
CA GLY B 292 15.43 21.98 -3.90
C GLY B 292 15.19 23.27 -4.65
N LYS B 293 14.86 24.33 -3.94
CA LYS B 293 14.65 25.64 -4.54
C LYS B 293 15.31 26.68 -3.67
N PHE B 294 15.90 27.68 -4.32
CA PHE B 294 16.69 28.70 -3.62
C PHE B 294 15.82 29.47 -2.63
N SER B 295 16.33 29.61 -1.39
CA SER B 295 15.69 30.38 -0.34
C SER B 295 16.72 31.24 0.35
N LEU B 296 16.32 32.45 0.73
CA LEU B 296 17.23 33.42 1.35
C LEU B 296 17.66 33.02 2.76
N ILE B 297 16.85 32.26 3.50
CA ILE B 297 17.16 31.94 4.89
C ILE B 297 18.36 31.00 4.97
N PRO B 298 18.31 29.83 4.33
CA PRO B 298 19.51 28.98 4.30
C PRO B 298 20.72 29.71 3.76
N THR B 299 20.52 30.57 2.77
CA THR B 299 21.62 31.33 2.22
C THR B 299 22.30 32.16 3.31
N ILE B 300 21.52 32.95 4.04
CA ILE B 300 22.10 33.82 5.07
C ILE B 300 22.72 32.98 6.19
N ILE B 301 22.04 31.91 6.60
CA ILE B 301 22.56 31.10 7.71
C ILE B 301 23.90 30.47 7.34
N ASN B 302 23.97 29.87 6.16
CA ASN B 302 25.20 29.18 5.77
C ASN B 302 26.29 30.17 5.39
N LEU B 303 25.92 31.36 4.91
CA LEU B 303 26.91 32.41 4.71
C LEU B 303 27.49 32.86 6.04
N ALA B 304 26.65 32.96 7.08
CA ALA B 304 27.14 33.25 8.41
C ALA B 304 28.10 32.17 8.89
N THR B 305 27.77 30.91 8.65
CA THR B 305 28.69 29.81 9.06
C THR B 305 30.00 29.94 8.26
N ALA B 306 29.89 30.34 7.01
CA ALA B 306 31.07 30.47 6.15
C ALA B 306 31.99 31.55 6.72
N LEU B 307 31.45 32.74 6.98
CA LEU B 307 32.24 33.84 7.57
C LEU B 307 32.78 33.39 8.93
N THR B 308 31.98 32.65 9.70
CA THR B 308 32.40 32.18 11.03
C THR B 308 33.69 31.39 10.89
N SER B 309 33.77 30.41 10.00
CA SER B 309 35.00 29.58 9.97
C SER B 309 36.10 30.36 9.25
N VAL B 310 35.73 31.26 8.35
CA VAL B 310 36.76 32.14 7.72
C VAL B 310 37.55 32.76 8.86
N GLY B 311 36.84 33.36 9.80
CA GLY B 311 37.46 33.99 10.99
C GLY B 311 38.43 33.04 11.67
N VAL B 312 37.93 31.90 12.16
CA VAL B 312 38.77 30.95 12.93
C VAL B 312 39.96 30.51 12.08
N GLY B 313 39.71 30.27 10.79
CA GLY B 313 40.82 29.91 9.90
C GLY B 313 41.87 31.00 9.93
N SER B 314 41.43 32.25 10.05
CA SER B 314 42.38 33.38 10.06
C SER B 314 43.10 33.45 11.41
N PHE B 315 42.36 33.31 12.51
CA PHE B 315 42.99 33.46 13.85
C PHE B 315 43.92 32.28 14.16
N LEU B 316 43.68 31.09 13.59
CA LEU B 316 44.62 29.96 13.79
C LEU B 316 45.85 30.18 12.91
N CYS B 317 45.67 30.79 11.74
CA CYS B 317 46.82 31.13 10.88
C CYS B 317 47.72 32.09 11.67
N ASP B 318 47.11 32.97 12.47
CA ASP B 318 47.96 33.80 13.36
C ASP B 318 48.51 32.88 14.45
N TRP B 319 47.62 32.11 15.10
CA TRP B 319 48.04 31.19 16.19
C TRP B 319 48.61 29.90 15.60
N VAL C 1 49.83 27.22 29.29
CA VAL C 1 49.39 26.29 30.32
C VAL C 1 47.88 26.07 30.21
N LEU C 2 47.11 26.92 30.90
CA LEU C 2 45.66 26.77 30.86
C LEU C 2 45.14 26.80 29.43
N TYR C 3 45.82 27.52 28.55
CA TYR C 3 45.50 27.45 27.14
C TYR C 3 45.68 26.03 26.61
N ARG C 4 46.76 25.37 27.01
CA ARG C 4 46.97 23.98 26.60
C ARG C 4 45.92 23.06 27.22
N ALA C 5 45.62 23.25 28.50
CA ALA C 5 44.59 22.43 29.14
C ALA C 5 43.24 22.65 28.49
N VAL C 6 42.91 23.91 28.17
CA VAL C 6 41.66 24.20 27.50
C VAL C 6 41.63 23.54 26.13
N GLN C 7 42.75 23.59 25.41
CA GLN C 7 42.86 22.88 24.14
C GLN C 7 42.54 21.40 24.30
N LEU C 8 43.14 20.77 25.31
CA LEU C 8 42.93 19.34 25.52
C LEU C 8 41.46 19.07 25.83
N LEU C 9 40.87 19.88 26.71
CA LEU C 9 39.48 19.65 27.10
C LEU C 9 38.54 19.82 25.92
N ILE C 10 38.70 20.91 25.17
CA ILE C 10 37.81 21.17 24.04
C ILE C 10 37.97 20.07 22.99
N LEU C 11 39.21 19.65 22.72
CA LEU C 11 39.43 18.57 21.76
C LEU C 11 38.72 17.31 22.23
N LEU C 12 39.10 16.79 23.40
CA LEU C 12 38.47 15.58 23.91
C LEU C 12 36.96 15.64 23.79
N TYR C 13 36.35 16.75 24.21
CA TYR C 13 34.91 16.88 24.06
C TYR C 13 34.47 16.68 22.63
N PHE C 14 35.09 17.42 21.70
CA PHE C 14 34.65 17.32 20.31
C PHE C 14 34.81 15.91 19.78
N VAL C 15 36.02 15.37 19.87
CA VAL C 15 36.31 14.05 19.32
C VAL C 15 35.29 13.09 19.88
N TRP C 16 35.33 12.89 21.20
CA TRP C 16 34.50 11.87 21.81
C TRP C 16 33.04 12.09 21.46
N TYR C 17 32.43 13.16 21.96
CA TYR C 17 30.99 13.25 21.82
C TYR C 17 30.60 13.23 20.34
N VAL C 18 31.15 14.16 19.56
CA VAL C 18 30.64 14.40 18.22
C VAL C 18 30.85 13.16 17.37
N PHE C 19 32.11 12.77 17.18
CA PHE C 19 32.32 11.64 16.29
C PHE C 19 31.89 10.31 16.92
N ILE C 20 32.39 9.98 18.09
CA ILE C 20 32.19 8.64 18.62
C ILE C 20 30.74 8.39 19.05
N VAL C 21 29.93 9.44 19.24
CA VAL C 21 28.58 9.27 19.74
C VAL C 21 27.53 9.73 18.74
N GLN C 22 27.70 10.93 18.18
CA GLN C 22 26.76 11.42 17.18
C GLN C 22 27.01 10.83 15.80
N LYS C 23 28.10 10.08 15.61
CA LYS C 23 28.43 9.51 14.31
C LYS C 23 28.49 10.59 13.24
N SER C 24 29.10 11.72 13.57
CA SER C 24 29.27 12.80 12.60
C SER C 24 30.19 12.41 11.46
N TYR C 25 30.93 11.33 11.59
CA TYR C 25 31.89 10.88 10.60
C TYR C 25 31.29 9.94 9.56
N GLN C 26 29.95 9.82 9.58
CA GLN C 26 29.31 8.85 8.66
C GLN C 26 28.19 9.51 7.83
N GLU C 27 28.13 9.20 6.54
CA GLU C 27 27.01 9.67 5.68
C GLU C 27 25.87 8.70 5.98
N SER C 28 24.64 9.17 6.19
CA SER C 28 23.51 8.29 6.63
C SER C 28 22.35 8.31 5.64
N GLU C 29 21.80 7.14 5.31
CA GLU C 29 20.61 7.01 4.43
C GLU C 29 19.44 6.54 5.29
N THR C 30 18.48 7.42 5.61
CA THR C 30 17.31 7.07 6.41
C THR C 30 16.18 6.67 5.48
N GLY C 31 15.76 5.42 5.56
CA GLY C 31 14.69 4.91 4.73
C GLY C 31 15.21 4.06 3.59
N PRO C 32 15.17 2.76 3.75
CA PRO C 32 15.58 1.86 2.67
C PRO C 32 14.44 1.47 1.74
N GLU C 33 14.75 0.62 0.78
CA GLU C 33 13.75 -0.05 -0.03
C GLU C 33 13.53 -1.43 0.54
N SER C 34 12.28 -1.76 0.87
CA SER C 34 11.94 -3.02 1.49
C SER C 34 10.90 -3.76 0.67
N SER C 35 11.01 -5.08 0.65
CA SER C 35 9.96 -5.96 0.13
C SER C 35 9.45 -6.83 1.26
N ILE C 36 8.13 -6.87 1.42
CA ILE C 36 7.48 -7.69 2.44
C ILE C 36 6.62 -8.72 1.74
N ILE C 37 6.89 -10.01 1.94
CA ILE C 37 6.10 -11.13 1.34
C ILE C 37 5.53 -11.95 2.50
N THR C 38 4.27 -11.72 2.89
CA THR C 38 3.64 -12.41 4.04
C THR C 38 2.86 -13.65 3.59
N LYS C 39 2.86 -14.73 4.38
CA LYS C 39 2.08 -15.96 4.08
C LYS C 39 1.50 -16.51 5.39
N VAL C 40 0.18 -16.51 5.54
CA VAL C 40 -0.50 -16.99 6.77
C VAL C 40 -0.83 -18.47 6.58
N LYS C 41 -0.68 -19.27 7.63
CA LYS C 41 -1.05 -20.67 7.65
C LYS C 41 -1.87 -20.96 8.89
N GLY C 42 -2.76 -21.94 8.79
CA GLY C 42 -3.66 -22.27 9.87
C GLY C 42 -5.09 -22.44 9.39
N ILE C 43 -5.77 -23.46 9.92
CA ILE C 43 -7.16 -23.73 9.59
C ILE C 43 -7.97 -23.69 10.87
N THR C 44 -9.17 -23.12 10.79
CA THR C 44 -10.07 -23.02 11.92
C THR C 44 -11.43 -23.53 11.52
N THR C 45 -12.20 -23.98 12.51
CA THR C 45 -13.47 -24.65 12.28
C THR C 45 -14.60 -23.92 12.99
N SER C 46 -15.72 -23.78 12.28
CA SER C 46 -16.99 -23.34 12.83
C SER C 46 -17.94 -24.55 12.84
N GLU C 47 -19.20 -24.29 13.17
CA GLU C 47 -20.19 -25.37 13.19
C GLU C 47 -20.21 -26.08 11.84
N HIS C 48 -19.77 -27.34 11.82
CA HIS C 48 -19.70 -28.15 10.61
C HIS C 48 -19.13 -27.35 9.44
N LYS C 49 -17.93 -26.81 9.66
CA LYS C 49 -17.26 -26.00 8.65
C LYS C 49 -15.79 -25.82 8.99
N VAL C 50 -14.92 -26.02 8.01
CA VAL C 50 -13.48 -25.81 8.17
C VAL C 50 -13.08 -24.62 7.31
N TRP C 51 -12.50 -23.61 7.94
CA TRP C 51 -12.04 -22.42 7.25
C TRP C 51 -10.55 -22.52 6.99
N ASP C 52 -10.14 -22.13 5.79
CA ASP C 52 -8.74 -22.14 5.38
C ASP C 52 -8.25 -20.72 5.16
N VAL C 53 -6.98 -20.60 4.78
CA VAL C 53 -6.35 -19.29 4.67
C VAL C 53 -7.03 -18.45 3.59
N GLU C 54 -7.45 -19.10 2.50
CA GLU C 54 -8.07 -18.35 1.41
C GLU C 54 -9.35 -17.65 1.88
N GLU C 55 -10.05 -18.23 2.86
CA GLU C 55 -11.31 -17.66 3.31
C GLU C 55 -11.10 -16.49 4.26
N TYR C 56 -10.18 -16.59 5.22
CA TYR C 56 -10.04 -15.53 6.27
C TYR C 56 -8.99 -14.48 5.87
N VAL C 57 -7.94 -14.83 5.11
CA VAL C 57 -6.86 -13.86 4.78
C VAL C 57 -7.31 -13.02 3.57
N LYS C 58 -7.65 -11.74 3.80
CA LYS C 58 -8.12 -10.82 2.73
C LYS C 58 -7.44 -9.46 2.92
N PRO C 59 -6.61 -8.94 1.99
CA PRO C 59 -6.40 -9.53 0.66
C PRO C 59 -5.49 -10.76 0.66
N PRO C 60 -5.47 -11.59 -0.41
CA PRO C 60 -4.67 -12.83 -0.44
C PRO C 60 -3.32 -12.78 -1.17
N GLU C 61 -2.91 -11.62 -1.71
CA GLU C 61 -1.69 -11.51 -2.51
C GLU C 61 -0.42 -11.60 -1.69
N GLY C 62 -0.51 -11.57 -0.37
CA GLY C 62 0.66 -11.74 0.47
C GLY C 62 1.54 -10.51 0.53
N GLY C 63 0.98 -9.41 1.01
CA GLY C 63 1.73 -8.16 1.09
C GLY C 63 1.91 -7.66 2.51
N SER C 64 2.24 -6.36 2.62
CA SER C 64 2.57 -5.81 3.93
C SER C 64 1.35 -5.63 4.81
N VAL C 65 0.18 -5.43 4.21
CA VAL C 65 -1.06 -5.20 4.95
C VAL C 65 -2.07 -6.26 4.56
N PHE C 66 -2.63 -6.95 5.54
CA PHE C 66 -3.63 -7.98 5.32
C PHE C 66 -4.45 -8.14 6.58
N SER C 67 -5.64 -8.71 6.42
CA SER C 67 -6.59 -8.88 7.52
C SER C 67 -6.89 -10.35 7.71
N ILE C 68 -6.87 -10.80 8.95
CA ILE C 68 -7.24 -12.16 9.33
C ILE C 68 -8.63 -12.10 9.95
N ILE C 69 -9.60 -12.72 9.30
CA ILE C 69 -10.99 -12.64 9.73
C ILE C 69 -11.20 -13.58 10.90
N THR C 70 -11.70 -13.03 12.01
CA THR C 70 -11.98 -13.80 13.21
C THR C 70 -13.45 -14.00 13.48
N ARG C 71 -14.32 -13.19 12.88
CA ARG C 71 -15.76 -13.28 13.09
C ARG C 71 -16.46 -12.69 11.88
N VAL C 72 -17.53 -13.35 11.44
CA VAL C 72 -18.28 -12.92 10.26
C VAL C 72 -19.76 -12.88 10.59
N GLU C 73 -20.45 -11.89 10.04
CA GLU C 73 -21.90 -11.79 10.03
C GLU C 73 -22.33 -11.91 8.57
N ALA C 74 -22.78 -13.08 8.17
CA ALA C 74 -23.03 -13.39 6.76
C ALA C 74 -24.53 -13.43 6.49
N THR C 75 -24.94 -12.79 5.40
CA THR C 75 -26.31 -12.81 4.92
C THR C 75 -26.33 -13.53 3.58
N HIS C 76 -27.08 -14.61 3.49
CA HIS C 76 -27.08 -15.48 2.32
C HIS C 76 -28.32 -15.24 1.46
N SER C 77 -28.21 -15.60 0.18
CA SER C 77 -29.32 -15.55 -0.76
C SER C 77 -29.84 -14.12 -0.94
N GLN C 78 -28.91 -13.18 -1.10
CA GLN C 78 -29.29 -11.80 -1.37
C GLN C 78 -29.51 -11.58 -2.86
N THR C 79 -30.64 -10.98 -3.20
CA THR C 79 -30.97 -10.66 -4.58
C THR C 79 -31.69 -9.32 -4.63
N GLN C 80 -31.58 -8.65 -5.77
CA GLN C 80 -32.34 -7.42 -5.99
C GLN C 80 -33.82 -7.69 -5.86
N GLY C 81 -34.48 -6.96 -4.98
CA GLY C 81 -35.89 -7.17 -4.73
C GLY C 81 -36.38 -6.30 -3.61
N THR C 82 -37.65 -6.49 -3.28
CA THR C 82 -38.31 -5.72 -2.23
C THR C 82 -38.32 -6.49 -0.93
N CYS C 83 -38.00 -5.79 0.16
CA CYS C 83 -37.95 -6.39 1.49
C CYS C 83 -38.09 -5.27 2.52
N PRO C 84 -38.50 -5.60 3.74
CA PRO C 84 -38.57 -4.57 4.78
C PRO C 84 -37.21 -3.96 5.05
N GLU C 85 -37.20 -2.66 5.31
CA GLU C 85 -35.97 -1.95 5.62
C GLU C 85 -35.55 -2.24 7.06
N SER C 86 -34.24 -2.14 7.29
CA SER C 86 -33.70 -2.34 8.62
C SER C 86 -34.33 -1.36 9.60
N ILE C 87 -34.73 -1.87 10.76
CA ILE C 87 -35.37 -1.04 11.77
C ILE C 87 -34.42 0.01 12.32
N ARG C 88 -33.10 -0.17 12.13
CA ARG C 88 -32.12 0.79 12.60
C ARG C 88 -32.00 2.01 11.70
N VAL C 89 -32.57 1.96 10.50
CA VAL C 89 -32.48 3.10 9.57
C VAL C 89 -33.52 4.14 9.96
N HIS C 90 -33.16 5.42 9.89
CA HIS C 90 -34.06 6.51 10.34
C HIS C 90 -35.35 6.56 9.52
N ASN C 91 -36.49 6.71 10.18
CA ASN C 91 -37.82 6.83 9.51
C ASN C 91 -38.23 5.48 8.93
N ALA C 92 -37.49 4.41 9.25
CA ALA C 92 -37.88 3.06 8.78
C ALA C 92 -39.23 2.69 9.35
N THR C 93 -39.37 2.61 10.67
CA THR C 93 -40.61 2.12 11.28
C THR C 93 -41.81 2.88 10.76
N CYS C 94 -42.88 2.14 10.48
CA CYS C 94 -44.10 2.72 9.92
C CYS C 94 -45.31 1.99 10.51
N LEU C 95 -46.44 2.71 10.51
CA LEU C 95 -47.71 2.19 11.00
C LEU C 95 -48.74 2.02 9.91
N SER C 96 -48.57 2.67 8.76
CA SER C 96 -49.44 2.50 7.62
C SER C 96 -48.68 2.91 6.37
N ASP C 97 -49.26 2.63 5.23
CA ASP C 97 -48.59 2.93 3.97
C ASP C 97 -48.36 4.44 3.81
N ALA C 98 -49.21 5.26 4.42
CA ALA C 98 -49.07 6.70 4.31
C ALA C 98 -47.81 7.21 4.99
N ASP C 99 -47.22 6.43 5.89
CA ASP C 99 -46.04 6.85 6.63
C ASP C 99 -44.75 6.69 5.85
N CYS C 100 -44.79 6.06 4.68
CA CYS C 100 -43.63 5.86 3.84
C CYS C 100 -43.90 6.44 2.46
N VAL C 101 -43.00 7.25 1.95
CA VAL C 101 -43.13 7.89 0.65
C VAL C 101 -42.19 7.19 -0.33
N ALA C 102 -42.63 7.08 -1.58
CA ALA C 102 -41.90 6.35 -2.59
C ALA C 102 -40.77 7.19 -3.16
N GLY C 103 -39.61 6.57 -3.35
CA GLY C 103 -38.49 7.17 -4.05
C GLY C 103 -37.36 7.67 -3.18
N GLU C 104 -37.55 7.79 -1.87
CA GLU C 104 -36.45 8.22 -1.01
C GLU C 104 -35.35 7.18 -0.99
N LEU C 105 -34.10 7.65 -1.07
CA LEU C 105 -32.93 6.79 -1.06
C LEU C 105 -31.96 7.32 -0.01
N ASP C 106 -32.11 6.85 1.22
CA ASP C 106 -31.18 7.22 2.28
C ASP C 106 -29.80 6.64 1.99
N MET C 107 -28.77 7.47 2.12
CA MET C 107 -27.41 6.98 1.92
C MET C 107 -27.03 5.94 2.95
N LEU C 108 -27.58 6.06 4.17
CA LEU C 108 -27.35 5.09 5.23
C LEU C 108 -28.39 3.97 5.23
N GLY C 109 -29.33 3.98 4.28
CA GLY C 109 -30.30 2.93 4.14
C GLY C 109 -29.78 1.78 3.30
N ASN C 110 -30.70 0.87 2.96
CA ASN C 110 -30.35 -0.35 2.22
C ASN C 110 -31.11 -0.47 0.92
N GLY C 111 -31.69 0.62 0.42
CA GLY C 111 -32.37 0.56 -0.86
C GLY C 111 -33.34 1.71 -1.04
N LEU C 112 -34.11 1.62 -2.11
CA LEU C 112 -35.03 2.67 -2.54
C LEU C 112 -36.42 2.36 -2.01
N ARG C 113 -36.99 3.29 -1.25
CA ARG C 113 -38.31 3.06 -0.66
C ARG C 113 -39.36 2.88 -1.75
N THR C 114 -40.24 1.86 -1.56
CA THR C 114 -41.27 1.51 -2.51
C THR C 114 -42.58 2.25 -2.25
N GLY C 115 -42.68 2.97 -1.13
CA GLY C 115 -43.90 3.63 -0.76
C GLY C 115 -44.84 2.80 0.09
N ARG C 116 -44.49 1.54 0.36
CA ARG C 116 -45.33 0.65 1.12
C ARG C 116 -44.76 0.46 2.53
N CYS C 117 -45.50 -0.29 3.34
CA CYS C 117 -45.12 -0.61 4.72
C CYS C 117 -45.40 -2.09 4.93
N VAL C 118 -44.35 -2.86 5.20
CA VAL C 118 -44.49 -4.30 5.28
C VAL C 118 -44.03 -4.82 6.65
N PRO C 119 -44.52 -5.97 7.08
CA PRO C 119 -44.09 -6.53 8.35
C PRO C 119 -42.59 -6.78 8.36
N TYR C 120 -41.98 -6.54 9.52
CA TYR C 120 -40.57 -6.74 9.69
C TYR C 120 -40.25 -8.24 9.73
N TYR C 121 -38.95 -8.56 9.62
CA TYR C 121 -38.52 -9.94 9.70
C TYR C 121 -38.90 -10.56 11.03
N GLN C 122 -38.71 -9.83 12.12
CA GLN C 122 -39.13 -10.25 13.46
C GLN C 122 -40.24 -9.31 13.91
N GLY C 123 -41.46 -9.85 14.01
CA GLY C 123 -42.60 -9.06 14.41
C GLY C 123 -42.47 -8.52 15.81
N PRO C 124 -43.47 -7.75 16.27
CA PRO C 124 -44.69 -7.37 15.55
C PRO C 124 -44.55 -6.05 14.79
N SER C 125 -43.34 -5.50 14.74
CA SER C 125 -43.14 -4.18 14.16
C SER C 125 -43.27 -4.24 12.64
N LYS C 126 -43.39 -3.05 12.04
CA LYS C 126 -43.46 -2.89 10.59
C LYS C 126 -42.47 -1.81 10.16
N THR C 127 -41.90 -1.99 8.98
CA THR C 127 -40.90 -1.06 8.46
C THR C 127 -41.17 -0.77 7.00
N CYS C 128 -40.75 0.42 6.56
CA CYS C 128 -40.94 0.83 5.18
C CYS C 128 -40.26 -0.16 4.23
N GLU C 129 -40.95 -0.50 3.15
CA GLU C 129 -40.41 -1.41 2.16
C GLU C 129 -39.42 -0.68 1.26
N VAL C 130 -38.33 -1.36 0.91
CA VAL C 130 -37.31 -0.82 0.02
C VAL C 130 -36.99 -1.84 -1.05
N PHE C 131 -36.44 -1.36 -2.15
CA PHE C 131 -35.92 -2.20 -3.22
C PHE C 131 -34.40 -2.18 -3.16
N GLY C 132 -33.78 -3.35 -3.19
CA GLY C 132 -32.34 -3.45 -3.15
C GLY C 132 -31.90 -4.86 -2.91
N TRP C 133 -30.66 -5.01 -2.46
CA TRP C 133 -30.13 -6.32 -2.08
C TRP C 133 -30.87 -6.80 -0.85
N CYS C 134 -31.67 -7.85 -1.01
CA CYS C 134 -32.57 -8.32 0.04
C CYS C 134 -32.39 -9.81 0.24
N PRO C 135 -32.56 -10.30 1.49
CA PRO C 135 -32.91 -9.54 2.69
C PRO C 135 -31.75 -8.73 3.25
N VAL C 136 -32.07 -7.70 4.04
CA VAL C 136 -31.04 -6.82 4.59
C VAL C 136 -30.28 -7.56 5.70
N GLU C 137 -29.03 -7.12 5.93
CA GLU C 137 -28.16 -7.82 6.85
C GLU C 137 -28.70 -7.76 8.28
N ASP C 138 -29.24 -6.61 8.67
CA ASP C 138 -29.72 -6.43 10.05
C ASP C 138 -30.98 -7.23 10.35
N GLY C 139 -31.47 -8.06 9.43
CA GLY C 139 -32.64 -8.87 9.69
C GLY C 139 -32.50 -10.31 9.24
N ALA C 140 -31.37 -10.65 8.60
CA ALA C 140 -31.16 -12.00 8.09
C ALA C 140 -29.74 -12.51 8.30
N SER C 141 -28.91 -11.80 9.06
CA SER C 141 -27.52 -12.20 9.23
C SER C 141 -27.39 -13.27 10.32
N VAL C 142 -26.38 -14.12 10.16
CA VAL C 142 -26.02 -15.12 11.15
C VAL C 142 -24.53 -14.95 11.46
N SER C 143 -24.19 -14.98 12.74
CA SER C 143 -22.82 -14.72 13.17
C SER C 143 -22.06 -16.02 13.39
N GLN C 144 -20.81 -16.04 12.96
CA GLN C 144 -19.89 -17.16 13.16
C GLN C 144 -18.61 -16.65 13.79
N PHE C 145 -18.08 -17.41 14.74
CA PHE C 145 -16.77 -17.14 15.30
C PHE C 145 -15.79 -18.16 14.72
N LEU C 146 -14.72 -17.66 14.07
CA LEU C 146 -13.71 -18.51 13.42
C LEU C 146 -12.32 -18.10 13.95
N GLY C 147 -12.23 -17.53 15.16
CA GLY C 147 -10.98 -17.12 15.74
C GLY C 147 -10.58 -17.99 16.92
N THR C 148 -11.27 -19.13 17.08
CA THR C 148 -10.96 -20.02 18.19
C THR C 148 -9.52 -20.52 18.11
N MET C 149 -9.03 -20.73 16.88
CA MET C 149 -7.66 -21.27 16.63
C MET C 149 -6.80 -20.22 15.92
N ALA C 150 -7.27 -18.97 15.78
CA ALA C 150 -6.44 -17.90 15.24
C ALA C 150 -5.17 -17.64 16.06
N PRO C 151 -5.17 -17.69 17.39
CA PRO C 151 -3.89 -17.48 18.09
C PRO C 151 -2.84 -18.49 17.69
N ASN C 152 -3.24 -19.67 17.22
CA ASN C 152 -2.32 -20.74 16.80
C ASN C 152 -1.95 -20.54 15.32
N PHE C 153 -2.59 -19.62 14.59
CA PHE C 153 -2.21 -19.32 13.19
C PHE C 153 -0.77 -18.83 13.20
N THR C 154 -0.06 -18.91 12.08
CA THR C 154 1.34 -18.44 11.95
C THR C 154 1.41 -17.44 10.79
N ILE C 155 2.39 -16.55 10.80
CA ILE C 155 2.53 -15.50 9.74
C ILE C 155 4.01 -15.42 9.37
N LEU C 156 4.41 -15.96 8.22
CA LEU C 156 5.78 -15.85 7.75
C LEU C 156 5.94 -14.51 7.03
N ILE C 157 6.83 -13.66 7.54
CA ILE C 157 7.10 -12.35 6.96
C ILE C 157 8.51 -12.40 6.38
N LYS C 158 8.61 -12.28 5.06
CA LYS C 158 9.90 -12.23 4.38
C LYS C 158 10.21 -10.79 4.02
N ASN C 159 11.29 -10.26 4.60
CA ASN C 159 11.67 -8.86 4.42
C ASN C 159 13.08 -8.79 3.87
N SER C 160 13.28 -7.92 2.89
CA SER C 160 14.59 -7.69 2.28
C SER C 160 14.73 -6.20 2.03
N ILE C 161 15.66 -5.56 2.71
CA ILE C 161 15.88 -4.13 2.58
C ILE C 161 17.06 -3.89 1.64
N HIS C 162 17.17 -2.64 1.18
CA HIS C 162 18.26 -2.24 0.31
C HIS C 162 18.61 -0.78 0.61
N TYR C 163 19.91 -0.48 0.57
CA TYR C 163 20.39 0.89 0.71
C TYR C 163 21.08 1.22 -0.60
N PRO C 164 20.43 2.01 -1.48
CA PRO C 164 21.02 2.25 -2.81
C PRO C 164 22.29 3.06 -2.71
N LYS C 165 22.36 4.01 -1.77
CA LYS C 165 23.58 4.78 -1.59
C LYS C 165 24.76 3.88 -1.27
N PHE C 166 24.54 2.89 -0.42
CA PHE C 166 25.59 2.00 0.05
C PHE C 166 25.59 0.66 -0.66
N HIS C 167 24.63 0.42 -1.56
CA HIS C 167 24.55 -0.83 -2.31
C HIS C 167 24.56 -2.03 -1.37
N PHE C 168 23.85 -1.90 -0.26
CA PHE C 168 23.76 -2.94 0.76
C PHE C 168 22.37 -3.55 0.74
N SER C 169 22.31 -4.88 0.77
CA SER C 169 21.05 -5.60 0.83
C SER C 169 21.17 -6.73 1.84
N LYS C 170 20.16 -6.86 2.69
CA LYS C 170 20.10 -7.95 3.65
C LYS C 170 18.66 -8.36 3.88
N GLY C 171 18.44 -9.67 4.04
CA GLY C 171 17.15 -10.21 4.35
C GLY C 171 17.07 -10.76 5.76
N ASN C 172 15.87 -11.16 6.15
CA ASN C 172 15.59 -11.65 7.49
C ASN C 172 15.52 -13.17 7.55
N ILE C 173 15.95 -13.87 6.50
CA ILE C 173 16.03 -15.32 6.49
C ILE C 173 17.43 -15.70 6.03
N ALA C 174 18.06 -16.61 6.75
CA ALA C 174 19.43 -17.01 6.47
C ALA C 174 19.49 -18.13 5.43
N ASP C 175 20.63 -18.22 4.76
CA ASP C 175 20.87 -19.23 3.73
C ASP C 175 21.31 -20.51 4.42
N ARG C 176 20.35 -21.38 4.71
CA ARG C 176 20.61 -22.65 5.39
C ARG C 176 20.01 -23.78 4.58
N THR C 177 20.80 -24.83 4.35
CA THR C 177 20.31 -25.99 3.61
C THR C 177 19.38 -26.86 4.43
N ASP C 178 19.45 -26.79 5.76
CA ASP C 178 18.59 -27.60 6.61
C ASP C 178 17.17 -27.04 6.60
N GLY C 179 16.23 -27.87 7.04
CA GLY C 179 14.84 -27.47 7.11
C GLY C 179 14.54 -26.62 8.32
N TYR C 180 15.35 -25.57 8.53
CA TYR C 180 15.17 -24.71 9.69
C TYR C 180 13.82 -24.01 9.66
N LEU C 181 13.47 -23.42 8.53
CA LEU C 181 12.24 -22.65 8.42
C LEU C 181 10.99 -23.52 8.56
N LYS C 182 11.14 -24.84 8.48
CA LYS C 182 10.03 -25.77 8.65
C LYS C 182 9.88 -26.26 10.09
N ARG C 183 10.83 -25.96 10.96
CA ARG C 183 10.80 -26.48 12.33
C ARG C 183 11.20 -25.43 13.36
N CYS C 184 11.15 -24.15 13.01
CA CYS C 184 11.66 -23.08 13.85
C CYS C 184 10.53 -22.23 14.40
N THR C 185 10.81 -21.59 15.53
CA THR C 185 9.89 -20.66 16.17
C THR C 185 10.66 -19.38 16.46
N PHE C 186 10.09 -18.24 16.08
CA PHE C 186 10.77 -16.97 16.25
C PHE C 186 11.14 -16.74 17.71
N HIS C 187 12.37 -16.26 17.92
CA HIS C 187 12.81 -15.79 19.21
C HIS C 187 13.71 -14.57 19.01
N GLU C 188 13.58 -13.59 19.90
CA GLU C 188 14.31 -12.34 19.75
C GLU C 188 15.82 -12.58 19.66
N ALA C 189 16.32 -13.65 20.28
CA ALA C 189 17.74 -13.93 20.33
C ALA C 189 18.13 -15.21 19.58
N SER C 190 17.53 -16.34 19.96
CA SER C 190 17.98 -17.62 19.42
C SER C 190 17.54 -17.84 17.99
N ASP C 191 16.36 -17.33 17.62
CA ASP C 191 15.77 -17.57 16.30
C ASP C 191 15.33 -16.26 15.68
N LEU C 192 16.21 -15.26 15.70
CA LEU C 192 15.89 -13.97 15.12
C LEU C 192 15.64 -14.08 13.62
N TYR C 193 16.29 -15.05 12.95
CA TYR C 193 16.14 -15.24 11.52
C TYR C 193 15.18 -16.37 11.17
N CYS C 194 14.14 -16.55 12.00
CA CYS C 194 13.00 -17.41 11.71
C CYS C 194 11.77 -16.53 11.80
N PRO C 195 11.48 -15.76 10.75
CA PRO C 195 10.40 -14.76 10.80
C PRO C 195 9.00 -15.35 10.66
N ILE C 196 8.73 -16.41 11.42
CA ILE C 196 7.42 -17.03 11.47
C ILE C 196 6.86 -16.75 12.86
N PHE C 197 5.78 -15.98 12.91
CA PHE C 197 5.21 -15.49 14.16
C PHE C 197 3.83 -16.06 14.36
N LYS C 198 3.57 -16.57 15.57
CA LYS C 198 2.22 -16.91 15.96
C LYS C 198 1.38 -15.65 16.15
N LEU C 199 0.13 -15.70 15.73
CA LEU C 199 -0.76 -14.55 15.91
C LEU C 199 -0.97 -14.25 17.38
N GLY C 200 -1.10 -15.29 18.21
CA GLY C 200 -1.19 -15.07 19.65
C GLY C 200 0.06 -14.41 20.21
N PHE C 201 1.23 -14.83 19.73
CA PHE C 201 2.47 -14.20 20.16
C PHE C 201 2.47 -12.71 19.81
N ILE C 202 2.08 -12.38 18.58
CA ILE C 202 2.04 -10.98 18.15
C ILE C 202 1.07 -10.20 19.03
N VAL C 203 -0.11 -10.78 19.30
CA VAL C 203 -1.12 -10.08 20.08
C VAL C 203 -0.64 -9.85 21.51
N GLU C 204 -0.01 -10.86 22.11
CA GLU C 204 0.51 -10.70 23.47
C GLU C 204 1.60 -9.64 23.52
N LYS C 205 2.56 -9.71 22.60
CA LYS C 205 3.65 -8.73 22.59
C LYS C 205 3.13 -7.32 22.38
N ALA C 206 1.94 -7.17 21.79
CA ALA C 206 1.29 -5.88 21.67
C ALA C 206 0.50 -5.50 22.91
N GLY C 207 0.46 -6.37 23.91
CA GLY C 207 -0.28 -6.10 25.13
C GLY C 207 -1.78 -6.00 24.93
N GLU C 208 -2.36 -6.91 24.16
CA GLU C 208 -3.79 -6.92 23.89
C GLU C 208 -4.37 -8.27 24.28
N SER C 209 -5.70 -8.35 24.37
CA SER C 209 -6.42 -9.64 24.63
C SER C 209 -6.86 -10.19 23.26
N PHE C 210 -6.81 -11.51 23.07
CA PHE C 210 -7.20 -12.15 21.79
C PHE C 210 -8.72 -12.28 21.74
N THR C 211 -9.39 -12.33 22.91
CA THR C 211 -10.87 -12.39 22.98
C THR C 211 -11.39 -11.04 22.48
N GLU C 212 -10.93 -9.95 23.07
CA GLU C 212 -11.36 -8.58 22.69
C GLU C 212 -11.05 -8.35 21.21
N LEU C 213 -9.83 -8.60 20.75
CA LEU C 213 -9.42 -8.29 19.35
C LEU C 213 -10.03 -9.29 18.36
N ALA C 214 -10.53 -10.44 18.83
CA ALA C 214 -11.20 -11.43 17.95
C ALA C 214 -12.68 -11.09 17.84
N HIS C 215 -13.23 -10.40 18.84
CA HIS C 215 -14.67 -10.00 18.82
C HIS C 215 -14.82 -8.70 18.02
N LYS C 216 -14.17 -7.62 18.44
CA LYS C 216 -14.33 -6.32 17.78
C LYS C 216 -13.46 -6.16 16.55
N GLY C 217 -12.25 -6.72 16.57
CA GLY C 217 -11.27 -6.46 15.54
C GLY C 217 -10.31 -5.35 15.92
N GLY C 218 -9.31 -5.16 15.07
CA GLY C 218 -8.34 -4.12 15.31
C GLY C 218 -7.16 -4.25 14.38
N VAL C 219 -6.14 -3.44 14.65
CA VAL C 219 -4.96 -3.34 13.80
C VAL C 219 -3.74 -3.47 14.68
N ILE C 220 -2.87 -4.44 14.37
CA ILE C 220 -1.61 -4.64 15.06
C ILE C 220 -0.49 -4.42 14.06
N GLY C 221 0.49 -3.61 14.45
CA GLY C 221 1.63 -3.33 13.60
C GLY C 221 2.81 -4.23 13.94
N VAL C 222 3.40 -4.82 12.92
CA VAL C 222 4.64 -5.58 13.03
C VAL C 222 5.74 -4.68 12.48
N ILE C 223 6.49 -4.04 13.37
CA ILE C 223 7.48 -3.05 12.99
C ILE C 223 8.84 -3.72 12.96
N ILE C 224 9.54 -3.60 11.84
CA ILE C 224 10.88 -4.14 11.66
C ILE C 224 11.83 -2.96 11.49
N ASN C 225 12.81 -2.87 12.38
CA ASN C 225 13.79 -1.79 12.37
C ASN C 225 15.14 -2.35 11.97
N TRP C 226 15.72 -1.81 10.90
CA TRP C 226 17.07 -2.14 10.46
C TRP C 226 17.95 -0.93 10.76
N ASP C 227 18.53 -0.88 11.96
CA ASP C 227 19.50 0.17 12.33
C ASP C 227 20.88 -0.40 12.03
N CYS C 228 21.38 -0.23 10.80
CA CYS C 228 22.64 -0.87 10.34
C CYS C 228 23.85 0.07 10.40
N ASP C 229 24.99 -0.41 10.90
CA ASP C 229 26.27 0.35 10.89
C ASP C 229 27.12 -0.36 9.85
N LEU C 230 27.19 0.16 8.62
CA LEU C 230 27.85 -0.54 7.52
C LEU C 230 29.36 -0.50 7.60
N ASP C 231 29.94 0.25 8.55
CA ASP C 231 31.36 0.17 8.81
C ASP C 231 31.74 -1.14 9.51
N LEU C 232 30.76 -1.91 9.94
CA LEU C 232 30.95 -3.20 10.59
C LEU C 232 30.52 -4.33 9.66
N PRO C 233 30.81 -5.58 10.04
CA PRO C 233 30.39 -6.70 9.18
C PRO C 233 28.89 -6.76 9.02
N ALA C 234 28.45 -7.27 7.87
CA ALA C 234 27.02 -7.40 7.60
C ALA C 234 26.32 -8.28 8.63
N SER C 235 27.06 -9.17 9.30
CA SER C 235 26.46 -9.97 10.36
C SER C 235 25.94 -9.11 11.50
N GLU C 236 26.34 -7.84 11.56
CA GLU C 236 25.93 -6.90 12.64
C GLU C 236 24.57 -6.25 12.34
N CYS C 237 24.22 -6.02 11.06
CA CYS C 237 22.95 -5.34 10.67
C CYS C 237 21.83 -6.38 10.69
N ASN C 238 21.15 -6.55 11.83
CA ASN C 238 20.07 -7.55 12.01
C ASN C 238 18.72 -6.84 12.16
N PRO C 239 17.57 -7.52 11.99
CA PRO C 239 16.26 -6.90 12.21
C PRO C 239 15.90 -6.83 13.68
N LYS C 240 15.11 -5.81 14.01
CA LYS C 240 14.54 -5.65 15.35
C LYS C 240 13.02 -5.60 15.20
N TYR C 241 12.33 -6.53 15.86
CA TYR C 241 10.89 -6.70 15.69
C TYR C 241 10.16 -6.09 16.88
N SER C 242 9.16 -5.26 16.58
CA SER C 242 8.32 -4.63 17.58
C SER C 242 6.86 -4.86 17.21
N PHE C 243 6.05 -5.16 18.21
CA PHE C 243 4.63 -5.45 18.01
C PHE C 243 3.82 -4.52 18.90
N ARG C 244 2.91 -3.77 18.28
CA ARG C 244 2.09 -2.82 19.02
C ARG C 244 0.82 -2.54 18.23
N ARG C 245 -0.28 -2.35 18.95
CA ARG C 245 -1.55 -2.01 18.32
C ARG C 245 -1.52 -0.60 17.77
N LEU C 246 -2.02 -0.43 16.55
CA LEU C 246 -2.01 0.86 15.88
C LEU C 246 -3.33 1.60 15.95
N ASP C 247 -4.42 0.91 16.22
CA ASP C 247 -5.73 1.54 16.32
C ASP C 247 -6.07 1.79 17.79
N PRO C 248 -6.93 2.77 18.07
CA PRO C 248 -7.28 3.06 19.46
C PRO C 248 -8.01 1.91 20.13
N LYS C 249 -7.81 1.79 21.44
CA LYS C 249 -8.53 0.83 22.27
C LYS C 249 -9.36 1.49 23.36
N HIS C 250 -9.05 2.72 23.75
CA HIS C 250 -9.80 3.43 24.77
C HIS C 250 -10.95 4.24 24.20
N VAL C 251 -11.06 4.34 22.88
CA VAL C 251 -12.07 5.15 22.20
C VAL C 251 -13.13 4.21 21.65
N PRO C 252 -14.33 4.15 22.25
CA PRO C 252 -15.34 3.20 21.75
C PRO C 252 -15.75 3.44 20.31
N ALA C 253 -15.76 4.69 19.87
CA ALA C 253 -16.25 4.99 18.52
C ALA C 253 -15.24 4.56 17.46
N SER C 254 -13.96 4.79 17.70
CA SER C 254 -12.91 4.48 16.73
C SER C 254 -12.24 3.13 16.97
N SER C 255 -12.70 2.36 17.95
CA SER C 255 -12.09 1.09 18.28
C SER C 255 -12.74 -0.03 17.47
N GLY C 256 -11.92 -0.90 16.93
CA GLY C 256 -12.37 -2.03 16.13
C GLY C 256 -11.88 -1.93 14.70
N TYR C 257 -12.14 -2.98 13.92
CA TYR C 257 -11.77 -3.03 12.50
C TYR C 257 -12.64 -4.08 11.82
N ASN C 258 -13.50 -3.65 10.90
CA ASN C 258 -14.42 -4.58 10.19
C ASN C 258 -14.57 -4.13 8.74
N PHE C 259 -14.99 -5.03 7.84
CA PHE C 259 -15.25 -4.70 6.46
C PHE C 259 -16.27 -5.67 5.91
N ARG C 260 -16.91 -5.29 4.82
CA ARG C 260 -17.93 -6.10 4.18
C ARG C 260 -17.45 -6.50 2.78
N PHE C 261 -17.58 -7.78 2.46
CA PHE C 261 -17.36 -8.28 1.12
C PHE C 261 -18.41 -9.33 0.83
N ALA C 262 -18.59 -9.62 -0.46
CA ALA C 262 -19.66 -10.50 -0.89
C ALA C 262 -19.13 -11.54 -1.87
N LYS C 263 -19.80 -12.67 -1.91
CA LYS C 263 -19.57 -13.72 -2.89
C LYS C 263 -20.78 -13.80 -3.80
N TYR C 264 -20.56 -13.67 -5.10
CA TYR C 264 -21.65 -13.56 -6.07
C TYR C 264 -21.84 -14.87 -6.81
N TYR C 265 -23.09 -15.28 -6.94
CA TYR C 265 -23.47 -16.51 -7.62
C TYR C 265 -24.54 -16.20 -8.64
N LYS C 266 -24.97 -17.22 -9.36
CA LYS C 266 -26.04 -17.12 -10.33
C LYS C 266 -26.87 -18.39 -10.27
N ILE C 267 -28.04 -18.28 -9.65
CA ILE C 267 -28.95 -19.41 -9.44
C ILE C 267 -30.16 -19.21 -10.31
N ASN C 268 -30.35 -20.08 -11.30
CA ASN C 268 -31.46 -19.98 -12.23
C ASN C 268 -31.40 -18.68 -13.03
N GLY C 269 -30.19 -18.23 -13.33
CA GLY C 269 -29.99 -17.03 -14.12
C GLY C 269 -30.10 -15.74 -13.36
N THR C 270 -30.35 -15.78 -12.06
CA THR C 270 -30.50 -14.58 -11.24
C THR C 270 -29.24 -14.40 -10.40
N THR C 271 -28.69 -13.19 -10.40
CA THR C 271 -27.47 -12.90 -9.67
C THR C 271 -27.77 -12.81 -8.18
N THR C 272 -27.33 -13.83 -7.43
CA THR C 272 -27.48 -13.86 -5.99
C THR C 272 -26.11 -13.71 -5.35
N ARG C 273 -26.08 -13.20 -4.12
CA ARG C 273 -24.82 -13.00 -3.43
C ARG C 273 -24.95 -13.38 -1.97
N THR C 274 -23.80 -13.65 -1.36
CA THR C 274 -23.67 -13.80 0.08
C THR C 274 -22.87 -12.61 0.60
N LEU C 275 -23.51 -11.77 1.40
CA LEU C 275 -22.82 -10.64 2.01
C LEU C 275 -22.22 -11.05 3.34
N ILE C 276 -20.94 -10.72 3.54
CA ILE C 276 -20.21 -11.10 4.73
C ILE C 276 -19.64 -9.83 5.35
N LYS C 277 -20.01 -9.55 6.59
CA LYS C 277 -19.36 -8.54 7.40
C LYS C 277 -18.30 -9.24 8.26
N ALA C 278 -17.05 -8.85 8.08
CA ALA C 278 -15.92 -9.54 8.66
C ALA C 278 -15.28 -8.66 9.73
N TYR C 279 -15.23 -9.18 10.95
CA TYR C 279 -14.45 -8.59 12.03
C TYR C 279 -13.16 -9.38 12.14
N GLY C 280 -12.03 -8.70 12.00
CA GLY C 280 -10.77 -9.41 12.00
C GLY C 280 -9.64 -8.53 12.45
N ILE C 281 -8.46 -9.12 12.50
CA ILE C 281 -7.25 -8.45 12.94
C ILE C 281 -6.46 -8.10 11.69
N ARG C 282 -6.24 -6.81 11.48
CA ARG C 282 -5.40 -6.35 10.39
C ARG C 282 -3.96 -6.31 10.85
N ILE C 283 -3.10 -7.01 10.12
CA ILE C 283 -1.67 -7.06 10.41
C ILE C 283 -0.98 -6.12 9.44
N ASP C 284 -0.28 -5.13 9.98
CA ASP C 284 0.46 -4.15 9.19
C ASP C 284 1.94 -4.33 9.48
N VAL C 285 2.71 -4.60 8.44
CA VAL C 285 4.15 -4.81 8.58
C VAL C 285 4.84 -3.52 8.19
N ILE C 286 5.41 -2.84 9.18
CA ILE C 286 6.06 -1.55 9.00
C ILE C 286 7.55 -1.75 9.13
N VAL C 287 8.31 -1.31 8.12
CA VAL C 287 9.74 -1.52 8.07
C VAL C 287 10.45 -0.17 8.13
N HIS C 288 11.25 0.02 9.16
CA HIS C 288 12.07 1.21 9.33
C HIS C 288 13.54 0.82 9.20
N GLY C 289 14.32 1.69 8.57
CA GLY C 289 15.73 1.40 8.39
C GLY C 289 16.59 2.64 8.35
N GLN C 290 17.68 2.62 9.10
CA GLN C 290 18.67 3.68 9.07
C GLN C 290 20.05 3.05 9.00
N ALA C 291 20.85 3.49 8.03
CA ALA C 291 22.17 2.96 7.80
C ALA C 291 23.17 4.09 7.69
N GLY C 292 24.38 3.83 8.16
CA GLY C 292 25.44 4.79 8.09
C GLY C 292 26.75 4.14 7.74
N LYS C 293 27.53 4.77 6.87
CA LYS C 293 28.83 4.27 6.48
C LYS C 293 29.81 5.43 6.44
N PHE C 294 31.04 5.17 6.88
CA PHE C 294 32.04 6.23 7.00
C PHE C 294 32.34 6.87 5.65
N SER C 295 32.33 8.20 5.62
CA SER C 295 32.68 8.98 4.44
C SER C 295 33.60 10.11 4.83
N LEU C 296 34.58 10.42 3.97
CA LEU C 296 35.57 11.45 4.25
C LEU C 296 35.02 12.86 4.26
N ILE C 297 33.93 13.14 3.52
CA ILE C 297 33.41 14.50 3.42
C ILE C 297 32.80 14.95 4.74
N PRO C 298 31.83 14.24 5.29
CA PRO C 298 31.33 14.60 6.61
C PRO C 298 32.44 14.66 7.65
N THR C 299 33.41 13.76 7.54
CA THR C 299 34.52 13.78 8.48
C THR C 299 35.25 15.12 8.43
N ILE C 300 35.64 15.56 7.24
CA ILE C 300 36.38 16.81 7.12
C ILE C 300 35.51 17.99 7.54
N ILE C 301 34.24 17.99 7.13
CA ILE C 301 33.37 19.12 7.45
C ILE C 301 33.19 19.26 8.96
N ASN C 302 32.88 18.15 9.63
CA ASN C 302 32.63 18.22 11.06
C ASN C 302 33.93 18.41 11.84
N LEU C 303 35.05 17.94 11.32
CA LEU C 303 36.34 18.26 11.93
C LEU C 303 36.63 19.76 11.83
N ALA C 304 36.29 20.37 10.69
CA ALA C 304 36.41 21.81 10.57
C ALA C 304 35.52 22.52 11.57
N THR C 305 34.29 22.05 11.78
CA THR C 305 33.40 22.68 12.79
C THR C 305 34.02 22.49 14.18
N ALA C 306 34.65 21.33 14.40
CA ALA C 306 35.25 21.04 15.70
C ALA C 306 36.37 22.04 15.97
N LEU C 307 37.31 22.17 15.02
CA LEU C 307 38.42 23.14 15.18
C LEU C 307 37.84 24.55 15.33
N THR C 308 36.78 24.84 14.57
CA THR C 308 36.16 26.20 14.62
C THR C 308 35.76 26.50 16.06
N SER C 309 35.04 25.61 16.75
CA SER C 309 34.58 25.99 18.10
C SER C 309 35.74 25.86 19.09
N VAL C 310 36.70 24.98 18.80
CA VAL C 310 37.91 24.91 19.65
C VAL C 310 38.46 26.33 19.74
N GLY C 311 38.64 26.95 18.60
CA GLY C 311 39.14 28.35 18.54
C GLY C 311 38.34 29.25 19.46
N VAL C 312 37.03 29.39 19.18
CA VAL C 312 36.18 30.35 19.96
C VAL C 312 36.25 29.99 21.44
N GLY C 313 36.24 28.70 21.76
CA GLY C 313 36.36 28.28 23.16
C GLY C 313 37.65 28.84 23.74
N SER C 314 38.70 28.90 22.91
CA SER C 314 40.01 29.39 23.39
C SER C 314 39.96 30.92 23.54
N PHE C 315 39.40 31.62 22.54
CA PHE C 315 39.42 33.11 22.57
C PHE C 315 38.48 33.64 23.66
N LEU C 316 37.41 32.91 24.01
CA LEU C 316 36.54 33.36 25.13
C LEU C 316 37.23 33.07 26.46
N CYS C 317 38.02 31.98 26.52
CA CYS C 317 38.82 31.69 27.73
C CYS C 317 39.77 32.86 27.95
N ASP C 318 40.29 33.44 26.86
CA ASP C 318 41.10 34.68 27.02
C ASP C 318 40.12 35.79 27.42
N TRP C 319 39.04 35.96 26.65
CA TRP C 319 38.05 37.03 26.92
C TRP C 319 37.09 36.59 28.04
#